data_5UC8
#
_entry.id   5UC8
#
_cell.length_a   77.760
_cell.length_b   84.619
_cell.length_c   139.012
_cell.angle_alpha   90.000
_cell.angle_beta   90.000
_cell.angle_gamma   90.000
#
_symmetry.space_group_name_H-M   'P 21 21 21'
#
loop_
_entity.id
_entity.type
_entity.pdbx_description
1 polymer 'Heme oxygenase 2'
2 water water
#
_entity_poly.entity_id   1
_entity_poly.type   'polypeptide(L)'
_entity_poly.pdbx_seq_one_letter_code
;MGSSHHHHHHSSGMADLSELLKEGTKEAHDRAENTQFVKDFLKGNIKKELFKLATTALYFTYSALEEEMERNKDHPAFAP
LYFPMELHRKEALTKDMEYFFGENWEEQVQCPKAAQKYVERIHYIGQNEPELLVAHAYTRYMGDLSGGQVLKKVAQRALK
LPSTGEGTQFYLFENVDNAQQFKQLYRARMNALDLNMKTKERIVEEANKAFEYNMQIFNELDQAGS
;
_entity_poly.pdbx_strand_id   A,B,C,D
#
# COMPACT_ATOMS: atom_id res chain seq x y z
N ALA A 15 -30.12 -6.50 -16.82
CA ALA A 15 -29.47 -7.56 -17.57
C ALA A 15 -28.53 -8.39 -16.69
N ASP A 16 -28.06 -9.52 -17.21
CA ASP A 16 -27.23 -10.42 -16.43
C ASP A 16 -25.80 -9.90 -16.31
N LEU A 17 -25.25 -10.00 -15.10
CA LEU A 17 -23.89 -9.51 -14.86
C LEU A 17 -22.90 -10.14 -15.83
N SER A 18 -23.01 -11.45 -16.05
CA SER A 18 -22.13 -12.15 -16.97
C SER A 18 -22.22 -11.55 -18.37
N GLU A 19 -23.41 -11.13 -18.77
CA GLU A 19 -23.60 -10.51 -20.08
C GLU A 19 -22.99 -9.12 -20.12
N LEU A 20 -23.28 -8.29 -19.10
CA LEU A 20 -22.67 -6.98 -18.99
C LEU A 20 -21.15 -7.07 -19.02
N LEU A 21 -20.58 -8.15 -18.49
CA LEU A 21 -19.13 -8.31 -18.49
C LEU A 21 -18.63 -8.77 -19.85
N LYS A 22 -19.31 -9.72 -20.48
CA LYS A 22 -18.89 -10.18 -21.80
C LYS A 22 -18.79 -9.01 -22.78
N GLU A 23 -19.79 -8.13 -22.77
CA GLU A 23 -19.88 -7.03 -23.73
C GLU A 23 -19.06 -5.82 -23.30
N GLY A 24 -19.14 -5.44 -22.02
CA GLY A 24 -18.45 -4.25 -21.53
C GLY A 24 -16.96 -4.41 -21.31
N THR A 25 -16.39 -5.61 -21.50
CA THR A 25 -14.96 -5.82 -21.42
C THR A 25 -14.39 -6.43 -22.68
N LYS A 26 -15.17 -6.52 -23.76
CA LYS A 26 -14.68 -7.15 -24.99
C LYS A 26 -13.52 -6.37 -25.61
N GLU A 27 -13.53 -5.04 -25.50
CA GLU A 27 -12.48 -4.23 -26.09
C GLU A 27 -11.16 -4.39 -25.34
N ALA A 28 -11.19 -4.24 -24.01
CA ALA A 28 -9.97 -4.40 -23.22
C ALA A 28 -9.48 -5.84 -23.22
N HIS A 29 -10.39 -6.81 -23.40
CA HIS A 29 -9.97 -8.20 -23.53
C HIS A 29 -9.14 -8.40 -24.80
N ASP A 30 -9.65 -7.91 -25.94
CA ASP A 30 -8.92 -8.08 -27.19
C ASP A 30 -7.61 -7.30 -27.18
N ARG A 31 -7.57 -6.14 -26.51
CA ARG A 31 -6.32 -5.40 -26.41
C ARG A 31 -5.24 -6.24 -25.75
N ALA A 32 -5.46 -6.64 -24.49
CA ALA A 32 -4.47 -7.45 -23.79
C ALA A 32 -4.19 -8.76 -24.50
N GLU A 33 -5.20 -9.31 -25.20
CA GLU A 33 -5.00 -10.56 -25.92
C GLU A 33 -4.13 -10.37 -27.16
N ASN A 34 -4.13 -9.18 -27.75
CA ASN A 34 -3.34 -8.94 -28.94
C ASN A 34 -1.97 -8.35 -28.62
N THR A 35 -1.54 -8.39 -27.36
CA THR A 35 -0.22 -7.87 -26.99
C THR A 35 0.88 -8.75 -27.58
N GLN A 36 2.07 -8.16 -27.70
CA GLN A 36 3.17 -8.86 -28.35
C GLN A 36 3.59 -10.10 -27.59
N PHE A 37 3.48 -10.07 -26.25
CA PHE A 37 3.88 -11.23 -25.46
C PHE A 37 2.97 -12.43 -25.72
N VAL A 38 1.66 -12.21 -25.68
CA VAL A 38 0.71 -13.30 -25.90
C VAL A 38 0.89 -13.91 -27.29
N LYS A 39 1.08 -13.05 -28.30
CA LYS A 39 1.24 -13.56 -29.65
C LYS A 39 2.53 -14.38 -29.79
N ASP A 40 3.64 -13.90 -29.22
CA ASP A 40 4.88 -14.66 -29.25
C ASP A 40 4.73 -15.99 -28.53
N PHE A 41 3.99 -16.01 -27.43
CA PHE A 41 3.83 -17.24 -26.66
C PHE A 41 3.10 -18.31 -27.47
N LEU A 42 1.97 -17.92 -28.07
CA LEU A 42 1.18 -18.87 -28.85
C LEU A 42 2.00 -19.53 -29.96
N LYS A 43 2.95 -18.80 -30.54
CA LYS A 43 3.79 -19.31 -31.62
C LYS A 43 5.05 -19.99 -31.08
N GLY A 44 5.06 -20.36 -29.80
CA GLY A 44 6.18 -21.11 -29.25
C GLY A 44 7.47 -20.33 -29.14
N ASN A 45 7.41 -19.00 -29.26
CA ASN A 45 8.61 -18.18 -29.19
C ASN A 45 8.69 -17.43 -27.87
N ILE A 46 8.83 -18.17 -26.77
CA ILE A 46 9.18 -17.60 -25.47
C ILE A 46 10.22 -18.51 -24.85
N LYS A 47 11.33 -17.93 -24.40
CA LYS A 47 12.43 -18.70 -23.85
C LYS A 47 12.28 -18.86 -22.34
N LYS A 48 13.12 -19.72 -21.76
CA LYS A 48 12.95 -20.15 -20.38
C LYS A 48 12.96 -18.97 -19.41
N GLU A 49 14.00 -18.13 -19.48
CA GLU A 49 14.10 -17.03 -18.50
C GLU A 49 12.90 -16.10 -18.59
N LEU A 50 12.44 -15.81 -19.82
CA LEU A 50 11.27 -14.94 -19.95
C LEU A 50 10.02 -15.62 -19.40
N PHE A 51 9.87 -16.93 -19.65
CA PHE A 51 8.76 -17.65 -19.05
C PHE A 51 8.87 -17.70 -17.53
N LYS A 52 10.09 -17.76 -16.99
CA LYS A 52 10.24 -17.72 -15.54
C LYS A 52 9.81 -16.36 -15.00
N LEU A 53 10.11 -15.28 -15.71
CA LEU A 53 9.65 -13.95 -15.32
C LEU A 53 8.12 -13.86 -15.35
N ALA A 54 7.51 -14.36 -16.42
CA ALA A 54 6.05 -14.34 -16.52
C ALA A 54 5.42 -15.16 -15.40
N THR A 55 6.01 -16.31 -15.09
CA THR A 55 5.51 -17.15 -14.00
C THR A 55 5.68 -16.47 -12.65
N THR A 56 6.79 -15.77 -12.46
CA THR A 56 6.98 -15.00 -11.23
C THR A 56 5.85 -14.00 -11.04
N ALA A 57 5.50 -13.28 -12.12
CA ALA A 57 4.41 -12.32 -12.06
C ALA A 57 3.07 -12.98 -11.71
N LEU A 58 2.81 -14.16 -12.27
CA LEU A 58 1.57 -14.86 -11.93
C LEU A 58 1.55 -15.27 -10.46
N TYR A 59 2.69 -15.70 -9.93
CA TYR A 59 2.75 -16.11 -8.54
C TYR A 59 2.30 -14.97 -7.61
N PHE A 60 2.93 -13.80 -7.73
CA PHE A 60 2.59 -12.71 -6.81
C PHE A 60 1.18 -12.19 -7.05
N THR A 61 0.69 -12.24 -8.30
CA THR A 61 -0.67 -11.80 -8.59
C THR A 61 -1.70 -12.73 -7.94
N TYR A 62 -1.60 -14.04 -8.21
CA TYR A 62 -2.56 -14.98 -7.66
C TYR A 62 -2.42 -15.08 -6.14
N SER A 63 -1.20 -14.99 -5.62
CA SER A 63 -1.02 -14.92 -4.17
C SER A 63 -1.86 -13.79 -3.59
N ALA A 64 -1.77 -12.61 -4.19
CA ALA A 64 -2.53 -11.45 -3.70
C ALA A 64 -4.03 -11.69 -3.78
N LEU A 65 -4.51 -12.14 -4.94
CA LEU A 65 -5.94 -12.28 -5.14
C LEU A 65 -6.53 -13.33 -4.21
N GLU A 66 -5.84 -14.46 -4.05
CA GLU A 66 -6.35 -15.53 -3.19
C GLU A 66 -6.26 -15.14 -1.71
N GLU A 67 -5.30 -14.30 -1.34
CA GLU A 67 -5.29 -13.76 0.02
C GLU A 67 -6.57 -12.95 0.28
N GLU A 68 -6.97 -12.11 -0.67
CA GLU A 68 -8.18 -11.31 -0.47
C GLU A 68 -9.45 -12.16 -0.55
N MET A 69 -9.45 -13.19 -1.41
CA MET A 69 -10.62 -14.06 -1.47
C MET A 69 -10.81 -14.83 -0.17
N GLU A 70 -9.73 -15.33 0.43
CA GLU A 70 -9.84 -15.93 1.76
C GLU A 70 -10.33 -14.91 2.78
N ARG A 71 -9.81 -13.69 2.72
CA ARG A 71 -10.22 -12.67 3.68
C ARG A 71 -11.71 -12.41 3.60
N ASN A 72 -12.28 -12.47 2.40
CA ASN A 72 -13.70 -12.18 2.19
C ASN A 72 -14.52 -13.43 1.93
N LYS A 73 -14.06 -14.60 2.40
CA LYS A 73 -14.76 -15.84 2.11
C LYS A 73 -16.19 -15.87 2.66
N ASP A 74 -16.49 -15.06 3.67
CA ASP A 74 -17.82 -15.03 4.28
C ASP A 74 -18.65 -13.85 3.82
N HIS A 75 -18.10 -12.95 3.02
CA HIS A 75 -18.77 -11.69 2.71
C HIS A 75 -19.90 -11.93 1.72
N PRO A 76 -21.12 -11.45 2.03
CA PRO A 76 -22.26 -11.75 1.16
C PRO A 76 -22.07 -11.37 -0.30
N ALA A 77 -21.28 -10.32 -0.60
CA ALA A 77 -21.06 -9.92 -1.97
C ALA A 77 -20.01 -10.75 -2.69
N PHE A 78 -19.41 -11.76 -2.04
CA PHE A 78 -18.45 -12.63 -2.69
C PHE A 78 -18.56 -14.10 -2.30
N ALA A 79 -19.03 -14.42 -1.10
CA ALA A 79 -18.98 -15.79 -0.59
C ALA A 79 -19.44 -16.86 -1.58
N PRO A 80 -20.52 -16.70 -2.34
CA PRO A 80 -20.92 -17.78 -3.26
C PRO A 80 -19.84 -18.17 -4.26
N LEU A 81 -18.88 -17.28 -4.55
CA LEU A 81 -17.84 -17.56 -5.54
C LEU A 81 -16.52 -18.02 -4.91
N TYR A 82 -16.52 -18.36 -3.64
CA TYR A 82 -15.31 -18.82 -2.97
C TYR A 82 -15.12 -20.30 -3.29
N PHE A 83 -14.07 -20.60 -4.06
CA PHE A 83 -13.82 -21.96 -4.56
C PHE A 83 -12.35 -22.31 -4.37
N PRO A 84 -11.90 -22.45 -3.11
CA PRO A 84 -10.46 -22.73 -2.89
C PRO A 84 -9.97 -24.04 -3.49
N MET A 85 -10.76 -25.11 -3.40
CA MET A 85 -10.30 -26.40 -3.90
C MET A 85 -10.35 -26.46 -5.42
N GLU A 86 -11.36 -25.83 -6.02
CA GLU A 86 -11.51 -25.90 -7.47
C GLU A 86 -10.54 -24.97 -8.21
N LEU A 87 -10.37 -23.74 -7.75
CA LEU A 87 -9.75 -22.69 -8.55
C LEU A 87 -8.36 -22.24 -8.11
N HIS A 88 -8.06 -22.21 -6.81
CA HIS A 88 -6.87 -21.47 -6.38
C HIS A 88 -5.58 -22.03 -6.98
N ARG A 89 -4.69 -21.12 -7.37
CA ARG A 89 -3.49 -21.41 -8.14
C ARG A 89 -2.19 -21.30 -7.35
N LYS A 90 -2.23 -20.72 -6.15
CA LYS A 90 -0.98 -20.41 -5.46
C LYS A 90 -0.13 -21.66 -5.25
N GLU A 91 -0.78 -22.77 -4.88
CA GLU A 91 -0.06 -24.00 -4.59
C GLU A 91 0.57 -24.57 -5.85
N ALA A 92 -0.17 -24.56 -6.95
CA ALA A 92 0.37 -25.01 -8.24
C ALA A 92 1.53 -24.11 -8.69
N LEU A 93 1.36 -22.80 -8.57
CA LEU A 93 2.43 -21.88 -8.98
C LEU A 93 3.66 -22.05 -8.10
N THR A 94 3.46 -22.43 -6.83
CA THR A 94 4.59 -22.69 -5.96
C THR A 94 5.41 -23.86 -6.48
N LYS A 95 4.73 -24.92 -6.92
CA LYS A 95 5.45 -26.08 -7.47
C LYS A 95 6.22 -25.69 -8.72
N ASP A 96 5.64 -24.83 -9.55
CA ASP A 96 6.32 -24.40 -10.77
C ASP A 96 7.53 -23.52 -10.47
N MET A 97 7.39 -22.63 -9.48
CA MET A 97 8.55 -21.84 -9.06
C MET A 97 9.64 -22.74 -8.50
N GLU A 98 9.27 -23.74 -7.68
CA GLU A 98 10.24 -24.71 -7.20
C GLU A 98 10.94 -25.43 -8.36
N TYR A 99 10.17 -25.81 -9.39
CA TYR A 99 10.79 -26.50 -10.52
C TYR A 99 11.77 -25.59 -11.26
N PHE A 100 11.38 -24.35 -11.54
CA PHE A 100 12.23 -23.49 -12.38
C PHE A 100 13.42 -22.91 -11.63
N PHE A 101 13.27 -22.62 -10.34
CA PHE A 101 14.31 -21.92 -9.61
C PHE A 101 15.00 -22.76 -8.54
N GLY A 102 14.44 -23.91 -8.17
CA GLY A 102 14.97 -24.67 -7.06
C GLY A 102 14.27 -24.32 -5.76
N GLU A 103 14.70 -24.98 -4.68
CA GLU A 103 13.95 -24.93 -3.42
C GLU A 103 14.02 -23.55 -2.77
N ASN A 104 15.10 -22.80 -2.97
CA ASN A 104 15.24 -21.46 -2.42
C ASN A 104 14.76 -20.38 -3.38
N TRP A 105 13.69 -20.66 -4.13
CA TRP A 105 13.27 -19.73 -5.19
C TRP A 105 12.84 -18.38 -4.64
N GLU A 106 12.21 -18.35 -3.46
CA GLU A 106 11.68 -17.09 -2.94
C GLU A 106 12.79 -16.06 -2.76
N GLU A 107 13.99 -16.51 -2.42
CA GLU A 107 15.13 -15.61 -2.30
C GLU A 107 15.59 -15.10 -3.65
N GLN A 108 15.19 -15.76 -4.73
CA GLN A 108 15.74 -15.49 -6.05
C GLN A 108 14.90 -14.55 -6.89
N VAL A 109 13.68 -14.21 -6.47
CA VAL A 109 12.76 -13.45 -7.32
C VAL A 109 12.25 -12.24 -6.57
N GLN A 110 11.79 -11.27 -7.36
CA GLN A 110 11.14 -10.05 -6.87
C GLN A 110 9.94 -9.74 -7.77
N CYS A 111 8.87 -9.25 -7.18
CA CYS A 111 7.67 -8.94 -7.95
C CYS A 111 7.98 -7.83 -8.97
N PRO A 112 7.62 -8.00 -10.24
CA PRO A 112 7.84 -6.94 -11.23
C PRO A 112 7.03 -5.69 -10.91
N LYS A 113 7.49 -4.56 -11.46
CA LYS A 113 6.95 -3.26 -11.08
C LYS A 113 5.49 -3.11 -11.47
N ALA A 114 5.13 -3.47 -12.70
CA ALA A 114 3.72 -3.40 -13.09
C ALA A 114 2.88 -4.38 -12.30
N ALA A 115 3.41 -5.57 -11.98
CA ALA A 115 2.67 -6.53 -11.20
C ALA A 115 2.47 -6.06 -9.77
N GLN A 116 3.45 -5.35 -9.20
CA GLN A 116 3.27 -4.80 -7.86
C GLN A 116 2.15 -3.76 -7.84
N LYS A 117 2.01 -2.97 -8.91
CA LYS A 117 0.90 -2.03 -9.00
C LYS A 117 -0.44 -2.76 -9.01
N TYR A 118 -0.52 -3.87 -9.75
CA TYR A 118 -1.75 -4.66 -9.74
C TYR A 118 -2.02 -5.26 -8.38
N VAL A 119 -0.98 -5.79 -7.72
CA VAL A 119 -1.14 -6.38 -6.39
C VAL A 119 -1.71 -5.36 -5.42
N GLU A 120 -1.18 -4.13 -5.44
CA GLU A 120 -1.71 -3.07 -4.58
C GLU A 120 -3.21 -2.87 -4.82
N ARG A 121 -3.61 -2.81 -6.09
CA ARG A 121 -5.03 -2.61 -6.43
C ARG A 121 -5.89 -3.79 -5.98
N ILE A 122 -5.35 -5.02 -6.01
CA ILE A 122 -6.08 -6.17 -5.50
C ILE A 122 -6.29 -6.03 -3.99
N HIS A 123 -5.22 -5.68 -3.26
CA HIS A 123 -5.34 -5.56 -1.80
C HIS A 123 -6.27 -4.44 -1.40
N TYR A 124 -6.21 -3.30 -2.11
CA TYR A 124 -7.13 -2.21 -1.84
C TYR A 124 -8.57 -2.65 -2.02
N ILE A 125 -8.86 -3.37 -3.12
CA ILE A 125 -10.24 -3.79 -3.39
C ILE A 125 -10.72 -4.78 -2.35
N GLY A 126 -9.85 -5.74 -1.99
CA GLY A 126 -10.25 -6.73 -1.00
C GLY A 126 -10.45 -6.16 0.38
N GLN A 127 -9.81 -5.04 0.69
CA GLN A 127 -9.90 -4.46 2.02
C GLN A 127 -10.87 -3.28 2.12
N ASN A 128 -11.33 -2.74 1.00
CA ASN A 128 -12.23 -1.59 1.07
C ASN A 128 -13.52 -1.77 0.27
N GLU A 129 -13.46 -2.36 -0.92
CA GLU A 129 -14.65 -2.53 -1.77
C GLU A 129 -14.81 -3.99 -2.17
N PRO A 130 -15.03 -4.88 -1.20
CA PRO A 130 -15.02 -6.33 -1.49
C PRO A 130 -16.03 -6.75 -2.55
N GLU A 131 -17.10 -5.98 -2.74
CA GLU A 131 -18.10 -6.32 -3.73
C GLU A 131 -17.55 -6.26 -5.14
N LEU A 132 -16.39 -5.63 -5.34
CA LEU A 132 -15.77 -5.60 -6.66
C LEU A 132 -14.74 -6.71 -6.83
N LEU A 133 -14.53 -7.54 -5.81
CA LEU A 133 -13.56 -8.62 -5.94
C LEU A 133 -13.91 -9.57 -7.09
N VAL A 134 -15.20 -9.77 -7.33
CA VAL A 134 -15.64 -10.64 -8.41
C VAL A 134 -15.12 -10.17 -9.76
N ALA A 135 -14.90 -8.85 -9.92
CA ALA A 135 -14.33 -8.35 -11.17
C ALA A 135 -12.98 -8.98 -11.45
N HIS A 136 -12.13 -9.08 -10.43
CA HIS A 136 -10.79 -9.63 -10.61
C HIS A 136 -10.79 -11.15 -10.67
N ALA A 137 -11.71 -11.81 -9.96
CA ALA A 137 -11.78 -13.26 -10.06
C ALA A 137 -12.30 -13.68 -11.43
N TYR A 138 -13.26 -12.93 -11.97
CA TYR A 138 -13.86 -13.31 -13.25
C TYR A 138 -12.86 -13.15 -14.39
N THR A 139 -12.04 -12.11 -14.37
CA THR A 139 -11.08 -11.95 -15.45
C THR A 139 -9.92 -12.94 -15.34
N ARG A 140 -9.70 -13.53 -14.17
CA ARG A 140 -8.57 -14.44 -13.99
C ARG A 140 -8.98 -15.89 -14.30
N TYR A 141 -9.75 -16.50 -13.39
CA TYR A 141 -9.85 -17.96 -13.38
C TYR A 141 -10.74 -18.46 -14.51
N MET A 142 -11.81 -17.74 -14.83
CA MET A 142 -12.64 -18.13 -15.96
C MET A 142 -11.81 -18.15 -17.24
N GLY A 143 -11.04 -17.08 -17.49
CA GLY A 143 -10.04 -17.14 -18.54
C GLY A 143 -9.12 -18.33 -18.39
N ASP A 144 -8.55 -18.50 -17.19
CA ASP A 144 -7.61 -19.58 -16.94
C ASP A 144 -8.23 -20.94 -17.21
N LEU A 145 -9.52 -21.11 -16.89
CA LEU A 145 -10.15 -22.42 -16.96
C LEU A 145 -10.22 -22.93 -18.39
N SER A 146 -10.50 -22.04 -19.35
CA SER A 146 -10.69 -22.44 -20.73
C SER A 146 -9.37 -22.60 -21.48
N GLY A 147 -8.45 -21.67 -21.30
CA GLY A 147 -7.21 -21.71 -22.05
C GLY A 147 -6.14 -22.60 -21.48
N GLY A 148 -6.37 -23.15 -20.29
CA GLY A 148 -5.41 -23.97 -19.59
C GLY A 148 -4.69 -25.02 -20.43
N GLN A 149 -5.45 -25.94 -21.06
CA GLN A 149 -4.80 -27.06 -21.73
C GLN A 149 -4.03 -26.60 -22.97
N VAL A 150 -4.58 -25.64 -23.71
CA VAL A 150 -3.88 -25.16 -24.90
C VAL A 150 -2.56 -24.50 -24.53
N LEU A 151 -2.57 -23.65 -23.50
CA LEU A 151 -1.35 -22.95 -23.11
C LEU A 151 -0.35 -23.90 -22.45
N LYS A 152 -0.85 -24.89 -21.71
CA LYS A 152 0.03 -25.90 -21.15
C LYS A 152 0.87 -26.56 -22.25
N LYS A 153 0.22 -26.95 -23.34
CA LYS A 153 0.90 -27.72 -24.37
C LYS A 153 2.01 -26.91 -25.03
N VAL A 154 1.72 -25.67 -25.42
CA VAL A 154 2.74 -24.88 -26.12
C VAL A 154 3.95 -24.63 -25.22
N ALA A 155 3.74 -24.50 -23.91
CA ALA A 155 4.87 -24.24 -23.02
C ALA A 155 5.73 -25.48 -22.85
N GLN A 156 5.10 -26.65 -22.72
CA GLN A 156 5.85 -27.90 -22.58
C GLN A 156 6.72 -28.14 -23.81
N ARG A 157 6.18 -27.88 -24.99
CA ARG A 157 6.90 -28.07 -26.24
C ARG A 157 8.01 -27.04 -26.39
N ALA A 158 7.67 -25.75 -26.30
CA ALA A 158 8.64 -24.68 -26.46
C ALA A 158 9.83 -24.85 -25.54
N LEU A 159 9.59 -25.21 -24.28
CA LEU A 159 10.64 -25.26 -23.28
C LEU A 159 11.14 -26.67 -23.02
N LYS A 160 10.59 -27.67 -23.69
CA LYS A 160 10.99 -29.07 -23.53
C LYS A 160 10.90 -29.50 -22.06
N LEU A 161 9.75 -29.23 -21.45
CA LEU A 161 9.55 -29.53 -20.04
C LEU A 161 9.27 -31.02 -19.85
N PRO A 162 9.60 -31.59 -18.68
CA PRO A 162 9.31 -33.00 -18.43
C PRO A 162 7.82 -33.28 -18.64
N SER A 163 7.53 -34.47 -19.18
CA SER A 163 6.14 -34.83 -19.45
C SER A 163 5.38 -35.16 -18.18
N THR A 164 6.06 -35.38 -17.05
CA THR A 164 5.37 -35.51 -15.76
C THR A 164 4.83 -34.18 -15.24
N GLY A 165 4.78 -33.13 -16.06
CA GLY A 165 4.04 -31.91 -15.75
C GLY A 165 4.78 -30.83 -15.00
N GLU A 166 6.02 -31.06 -14.57
CA GLU A 166 6.76 -30.06 -13.80
C GLU A 166 6.88 -28.76 -14.61
N GLY A 167 6.51 -27.65 -13.97
CA GLY A 167 6.58 -26.34 -14.60
C GLY A 167 5.30 -25.85 -15.24
N THR A 168 4.28 -26.70 -15.38
CA THR A 168 3.01 -26.27 -15.97
C THR A 168 1.82 -26.56 -15.07
N GLN A 169 2.05 -26.76 -13.78
CA GLN A 169 0.94 -27.12 -12.90
C GLN A 169 -0.07 -25.99 -12.79
N PHE A 170 0.37 -24.73 -12.96
CA PHE A 170 -0.55 -23.60 -13.00
C PHE A 170 -1.72 -23.85 -13.95
N TYR A 171 -1.48 -24.56 -15.06
CA TYR A 171 -2.48 -24.72 -16.11
C TYR A 171 -3.44 -25.89 -15.89
N LEU A 172 -3.21 -26.73 -14.89
CA LEU A 172 -4.03 -27.91 -14.67
C LEU A 172 -4.95 -27.68 -13.47
N PHE A 173 -6.26 -27.78 -13.70
CA PHE A 173 -7.24 -27.68 -12.61
C PHE A 173 -7.61 -29.09 -12.17
N GLU A 174 -6.77 -29.66 -11.31
CA GLU A 174 -6.86 -31.07 -10.96
C GLU A 174 -8.18 -31.40 -10.26
N ASN A 175 -8.80 -30.44 -9.57
CA ASN A 175 -9.99 -30.69 -8.78
C ASN A 175 -11.28 -30.35 -9.51
N VAL A 176 -11.20 -30.02 -10.80
CA VAL A 176 -12.36 -29.67 -11.60
C VAL A 176 -12.55 -30.77 -12.62
N ASP A 177 -13.60 -31.58 -12.45
CA ASP A 177 -13.82 -32.71 -13.34
C ASP A 177 -14.10 -32.23 -14.76
N ASN A 178 -15.12 -31.41 -14.93
CA ASN A 178 -15.48 -30.87 -16.23
C ASN A 178 -15.43 -29.36 -16.18
N ALA A 179 -14.50 -28.77 -16.96
CA ALA A 179 -14.34 -27.32 -16.96
C ALA A 179 -15.61 -26.62 -17.44
N GLN A 180 -16.27 -27.17 -18.45
CA GLN A 180 -17.43 -26.50 -19.02
C GLN A 180 -18.61 -26.49 -18.05
N GLN A 181 -18.77 -27.55 -17.26
CA GLN A 181 -19.87 -27.60 -16.30
C GLN A 181 -19.63 -26.66 -15.12
N PHE A 182 -18.41 -26.67 -14.56
CA PHE A 182 -18.10 -25.76 -13.47
C PHE A 182 -18.25 -24.31 -13.92
N LYS A 183 -17.77 -24.01 -15.12
CA LYS A 183 -17.83 -22.64 -15.61
C LYS A 183 -19.27 -22.15 -15.73
N GLN A 184 -20.21 -23.05 -16.06
CA GLN A 184 -21.63 -22.69 -16.07
C GLN A 184 -22.13 -22.42 -14.67
N LEU A 185 -21.75 -23.27 -13.71
CA LEU A 185 -22.21 -23.08 -12.34
C LEU A 185 -21.72 -21.76 -11.77
N TYR A 186 -20.48 -21.38 -12.11
CA TYR A 186 -19.89 -20.14 -11.60
C TYR A 186 -20.62 -18.90 -12.14
N ARG A 187 -20.92 -18.89 -13.44
CA ARG A 187 -21.68 -17.78 -14.02
C ARG A 187 -23.04 -17.64 -13.34
N ALA A 188 -23.73 -18.77 -13.14
CA ALA A 188 -25.06 -18.74 -12.52
C ALA A 188 -25.01 -18.18 -11.11
N ARG A 189 -24.00 -18.55 -10.33
CA ARG A 189 -23.85 -17.97 -9.00
C ARG A 189 -23.62 -16.47 -9.09
N MET A 190 -22.74 -16.04 -10.01
CA MET A 190 -22.44 -14.63 -10.18
C MET A 190 -23.70 -13.85 -10.58
N ASN A 191 -24.50 -14.41 -11.47
CA ASN A 191 -25.71 -13.72 -11.92
C ASN A 191 -26.76 -13.63 -10.83
N ALA A 192 -26.70 -14.51 -9.83
CA ALA A 192 -27.66 -14.54 -8.74
C ALA A 192 -27.26 -13.67 -7.55
N LEU A 193 -26.12 -12.98 -7.62
CA LEU A 193 -25.73 -12.08 -6.54
C LEU A 193 -26.69 -10.91 -6.47
N ASP A 194 -27.17 -10.61 -5.26
CA ASP A 194 -28.12 -9.51 -5.04
C ASP A 194 -27.41 -8.18 -5.24
N LEU A 195 -27.55 -7.60 -6.43
CA LEU A 195 -26.83 -6.38 -6.78
C LEU A 195 -27.73 -5.45 -7.58
N ASN A 196 -27.74 -4.18 -7.20
CA ASN A 196 -28.45 -3.18 -7.99
C ASN A 196 -27.66 -2.89 -9.27
N MET A 197 -28.27 -2.07 -10.15
CA MET A 197 -27.64 -1.83 -11.44
C MET A 197 -26.40 -0.95 -11.33
N LYS A 198 -26.30 -0.14 -10.27
CA LYS A 198 -25.12 0.69 -10.09
C LYS A 198 -23.90 -0.14 -9.74
N THR A 199 -24.02 -0.98 -8.70
CA THR A 199 -22.91 -1.85 -8.31
C THR A 199 -22.47 -2.72 -9.46
N LYS A 200 -23.41 -3.17 -10.29
CA LYS A 200 -23.04 -4.00 -11.44
C LYS A 200 -22.10 -3.26 -12.38
N GLU A 201 -22.38 -1.98 -12.64
CA GLU A 201 -21.56 -1.25 -13.61
C GLU A 201 -20.17 -0.96 -13.06
N ARG A 202 -20.04 -0.76 -11.73
CA ARG A 202 -18.71 -0.63 -11.13
C ARG A 202 -17.88 -1.90 -11.36
N ILE A 203 -18.54 -3.05 -11.32
CA ILE A 203 -17.86 -4.33 -11.52
C ILE A 203 -17.31 -4.44 -12.94
N VAL A 204 -18.09 -4.01 -13.93
CA VAL A 204 -17.62 -4.02 -15.31
C VAL A 204 -16.43 -3.07 -15.48
N GLU A 205 -16.48 -1.91 -14.83
CA GLU A 205 -15.37 -0.97 -14.93
C GLU A 205 -14.12 -1.48 -14.20
N GLU A 206 -14.31 -2.13 -13.04
CA GLU A 206 -13.16 -2.72 -12.36
C GLU A 206 -12.57 -3.87 -13.16
N ALA A 207 -13.39 -4.60 -13.92
CA ALA A 207 -12.88 -5.66 -14.78
C ALA A 207 -12.04 -5.08 -15.92
N ASN A 208 -12.49 -3.98 -16.51
CA ASN A 208 -11.68 -3.28 -17.52
C ASN A 208 -10.37 -2.79 -16.92
N LYS A 209 -10.41 -2.30 -15.67
CA LYS A 209 -9.19 -1.94 -14.97
C LYS A 209 -8.25 -3.13 -14.82
N ALA A 210 -8.80 -4.30 -14.49
CA ALA A 210 -7.98 -5.50 -14.34
C ALA A 210 -7.32 -5.87 -15.67
N PHE A 211 -8.09 -5.84 -16.76
CA PHE A 211 -7.52 -6.10 -18.08
C PHE A 211 -6.41 -5.12 -18.39
N GLU A 212 -6.55 -3.88 -17.93
CA GLU A 212 -5.51 -2.88 -18.18
C GLU A 212 -4.24 -3.23 -17.42
N TYR A 213 -4.37 -3.61 -16.15
CA TYR A 213 -3.20 -4.03 -15.38
C TYR A 213 -2.50 -5.21 -16.04
N ASN A 214 -3.26 -6.21 -16.45
CA ASN A 214 -2.64 -7.36 -17.09
C ASN A 214 -1.97 -6.96 -18.41
N MET A 215 -2.51 -5.96 -19.11
CA MET A 215 -1.83 -5.50 -20.32
C MET A 215 -0.48 -4.88 -19.97
N GLN A 216 -0.44 -4.05 -18.92
CA GLN A 216 0.80 -3.43 -18.49
C GLN A 216 1.81 -4.47 -17.99
N ILE A 217 1.34 -5.56 -17.40
CA ILE A 217 2.24 -6.64 -17.00
C ILE A 217 2.85 -7.31 -18.23
N PHE A 218 2.03 -7.53 -19.26
CA PHE A 218 2.52 -8.12 -20.51
C PHE A 218 3.55 -7.22 -21.19
N ASN A 219 3.31 -5.91 -21.25
CA ASN A 219 4.25 -5.01 -21.90
C ASN A 219 5.59 -5.00 -21.18
N GLU A 220 5.55 -5.02 -19.83
CA GLU A 220 6.78 -5.09 -19.05
C GLU A 220 7.60 -6.33 -19.41
N LEU A 221 6.92 -7.47 -19.60
CA LEU A 221 7.61 -8.71 -20.00
C LEU A 221 8.20 -8.61 -21.39
N ASP A 222 7.57 -7.85 -22.29
CA ASP A 222 8.05 -7.76 -23.67
C ASP A 222 9.43 -7.11 -23.74
N GLN A 223 9.64 -6.04 -23.00
CA GLN A 223 10.91 -5.30 -23.05
C GLN A 223 12.08 -6.14 -22.52
N ALA B 15 -14.08 -10.72 19.99
CA ALA B 15 -13.23 -11.63 19.21
C ALA B 15 -12.28 -12.42 20.13
N ASP B 16 -11.95 -13.63 19.71
CA ASP B 16 -11.08 -14.49 20.50
C ASP B 16 -9.67 -13.91 20.57
N LEU B 17 -9.09 -13.95 21.77
CA LEU B 17 -7.71 -13.50 21.95
C LEU B 17 -6.75 -14.19 20.99
N SER B 18 -6.99 -15.47 20.69
CA SER B 18 -6.07 -16.16 19.77
C SER B 18 -6.12 -15.55 18.38
N GLU B 19 -7.28 -15.04 17.97
CA GLU B 19 -7.42 -14.40 16.66
C GLU B 19 -6.84 -12.99 16.65
N LEU B 20 -7.04 -12.23 17.72
CA LEU B 20 -6.39 -10.93 17.83
C LEU B 20 -4.88 -11.06 17.74
N LEU B 21 -4.33 -12.11 18.36
CA LEU B 21 -2.89 -12.34 18.30
C LEU B 21 -2.46 -12.74 16.91
N LYS B 22 -3.20 -13.65 16.27
CA LYS B 22 -2.80 -14.12 14.95
C LYS B 22 -2.72 -12.96 13.95
N GLU B 23 -3.71 -12.07 13.98
CA GLU B 23 -3.74 -10.98 13.00
C GLU B 23 -2.92 -9.77 13.42
N GLY B 24 -2.82 -9.48 14.72
CA GLY B 24 -2.12 -8.29 15.16
C GLY B 24 -0.61 -8.44 15.26
N THR B 25 -0.08 -9.67 15.21
CA THR B 25 1.36 -9.87 15.36
C THR B 25 2.01 -10.47 14.12
N LYS B 26 1.26 -10.64 13.03
CA LYS B 26 1.80 -11.35 11.88
C LYS B 26 2.99 -10.60 11.29
N GLU B 27 2.94 -9.26 11.29
CA GLU B 27 4.01 -8.47 10.69
C GLU B 27 5.33 -8.62 11.46
N ALA B 28 5.28 -8.50 12.79
CA ALA B 28 6.48 -8.66 13.60
C ALA B 28 6.97 -10.11 13.59
N HIS B 29 6.04 -11.07 13.56
CA HIS B 29 6.43 -12.46 13.46
C HIS B 29 7.27 -12.71 12.21
N ASP B 30 6.77 -12.24 11.05
CA ASP B 30 7.46 -12.50 9.78
C ASP B 30 8.81 -11.81 9.72
N ARG B 31 8.93 -10.61 10.27
CA ARG B 31 10.23 -9.94 10.30
C ARG B 31 11.24 -10.76 11.09
N ALA B 32 10.87 -11.26 12.27
CA ALA B 32 11.81 -12.05 13.05
C ALA B 32 12.16 -13.35 12.33
N GLU B 33 11.17 -13.98 11.67
CA GLU B 33 11.41 -15.19 10.88
C GLU B 33 12.34 -14.96 9.70
N ASN B 34 12.44 -13.72 9.22
CA ASN B 34 13.21 -13.43 8.03
C ASN B 34 14.58 -12.83 8.36
N THR B 35 15.00 -12.88 9.62
CA THR B 35 16.36 -12.47 9.95
C THR B 35 17.37 -13.44 9.35
N GLN B 36 18.60 -12.96 9.20
CA GLN B 36 19.65 -13.77 8.58
C GLN B 36 19.93 -15.02 9.39
N PHE B 37 19.84 -14.93 10.72
CA PHE B 37 20.09 -16.11 11.56
C PHE B 37 19.07 -17.20 11.30
N VAL B 38 17.77 -16.86 11.31
CA VAL B 38 16.74 -17.87 11.11
C VAL B 38 16.84 -18.44 9.70
N LYS B 39 17.18 -17.61 8.73
CA LYS B 39 17.35 -18.08 7.36
C LYS B 39 18.54 -19.01 7.24
N ASP B 40 19.68 -18.66 7.84
CA ASP B 40 20.85 -19.54 7.81
C ASP B 40 20.57 -20.85 8.54
N PHE B 41 19.84 -20.77 9.65
CA PHE B 41 19.59 -21.97 10.45
C PHE B 41 18.84 -23.02 9.64
N LEU B 42 17.76 -22.60 8.96
CA LEU B 42 16.91 -23.53 8.23
C LEU B 42 17.67 -24.26 7.14
N LYS B 43 18.72 -23.64 6.60
CA LYS B 43 19.49 -24.21 5.50
C LYS B 43 20.68 -25.04 5.98
N GLY B 44 20.79 -25.30 7.28
CA GLY B 44 21.92 -26.03 7.81
C GLY B 44 23.19 -25.23 7.97
N ASN B 45 23.13 -23.91 7.78
CA ASN B 45 24.32 -23.07 7.79
C ASN B 45 24.49 -22.38 9.13
N ILE B 46 24.70 -23.18 10.17
CA ILE B 46 25.06 -22.68 11.49
C ILE B 46 26.18 -23.57 12.01
N LYS B 47 27.24 -22.95 12.50
CA LYS B 47 28.36 -23.70 13.04
C LYS B 47 28.16 -23.92 14.53
N LYS B 48 28.99 -24.82 15.09
CA LYS B 48 28.81 -25.26 16.47
C LYS B 48 28.88 -24.10 17.46
N GLU B 49 29.91 -23.25 17.35
CA GLU B 49 30.03 -22.17 18.33
C GLU B 49 28.84 -21.24 18.26
N LEU B 50 28.31 -20.98 17.05
CA LEU B 50 27.16 -20.10 16.97
C LEU B 50 25.90 -20.75 17.54
N PHE B 51 25.71 -22.05 17.26
CA PHE B 51 24.62 -22.79 17.87
C PHE B 51 24.74 -22.82 19.40
N LYS B 52 25.97 -22.91 19.92
CA LYS B 52 26.14 -22.86 21.37
C LYS B 52 25.75 -21.50 21.93
N LEU B 53 26.07 -20.42 21.19
CA LEU B 53 25.66 -19.08 21.61
C LEU B 53 24.14 -18.93 21.57
N ALA B 54 23.51 -19.45 20.53
CA ALA B 54 22.04 -19.40 20.47
C ALA B 54 21.41 -20.17 21.62
N THR B 55 21.92 -21.38 21.91
CA THR B 55 21.38 -22.17 23.02
C THR B 55 21.52 -21.44 24.34
N THR B 56 22.65 -20.74 24.52
CA THR B 56 22.85 -19.93 25.72
C THR B 56 21.74 -18.90 25.87
N ALA B 57 21.46 -18.16 24.80
CA ALA B 57 20.36 -17.19 24.83
C ALA B 57 19.04 -17.84 25.22
N LEU B 58 18.76 -19.03 24.65
CA LEU B 58 17.54 -19.75 24.99
C LEU B 58 17.49 -20.10 26.46
N TYR B 59 18.61 -20.59 26.99
CA TYR B 59 18.68 -20.98 28.39
C TYR B 59 18.27 -19.83 29.31
N PHE B 60 18.90 -18.65 29.15
CA PHE B 60 18.58 -17.54 30.04
C PHE B 60 17.15 -17.03 29.80
N THR B 61 16.70 -17.01 28.54
CA THR B 61 15.35 -16.56 28.23
C THR B 61 14.28 -17.46 28.87
N TYR B 62 14.39 -18.78 28.64
CA TYR B 62 13.38 -19.68 29.19
C TYR B 62 13.49 -19.78 30.70
N SER B 63 14.70 -19.66 31.25
CA SER B 63 14.84 -19.68 32.70
C SER B 63 14.03 -18.56 33.34
N ALA B 64 14.09 -17.35 32.77
CA ALA B 64 13.36 -16.22 33.33
C ALA B 64 11.86 -16.38 33.13
N LEU B 65 11.44 -16.82 31.95
CA LEU B 65 10.02 -16.96 31.67
C LEU B 65 9.38 -17.96 32.61
N GLU B 66 10.07 -19.08 32.87
CA GLU B 66 9.49 -20.11 33.71
C GLU B 66 9.54 -19.72 35.18
N GLU B 67 10.53 -18.93 35.59
CA GLU B 67 10.49 -18.37 36.94
C GLU B 67 9.24 -17.50 37.13
N GLU B 68 8.90 -16.68 36.15
CA GLU B 68 7.75 -15.79 36.28
C GLU B 68 6.42 -16.54 36.16
N MET B 69 6.37 -17.59 35.34
CA MET B 69 5.14 -18.37 35.26
C MET B 69 4.88 -19.11 36.58
N GLU B 70 5.93 -19.67 37.17
CA GLU B 70 5.76 -20.32 38.47
C GLU B 70 5.29 -19.31 39.53
N ARG B 71 5.81 -18.09 39.49
CA ARG B 71 5.40 -17.07 40.45
C ARG B 71 3.91 -16.77 40.33
N ASN B 72 3.39 -16.75 39.10
CA ASN B 72 2.01 -16.43 38.84
C ASN B 72 1.14 -17.66 38.62
N LYS B 73 1.56 -18.83 39.12
CA LYS B 73 0.87 -20.06 38.76
C LYS B 73 -0.57 -20.09 39.26
N ASP B 74 -0.89 -19.33 40.30
CA ASP B 74 -2.25 -19.25 40.82
C ASP B 74 -3.00 -18.01 40.36
N HIS B 75 -2.40 -17.15 39.54
CA HIS B 75 -3.05 -15.88 39.20
C HIS B 75 -4.21 -16.11 38.24
N PRO B 76 -5.39 -15.54 38.51
CA PRO B 76 -6.56 -15.84 37.66
C PRO B 76 -6.36 -15.50 36.20
N ALA B 77 -5.53 -14.51 35.90
CA ALA B 77 -5.26 -14.16 34.51
C ALA B 77 -4.30 -15.11 33.82
N PHE B 78 -3.67 -16.04 34.56
CA PHE B 78 -2.67 -16.92 33.96
C PHE B 78 -2.82 -18.38 34.34
N ALA B 79 -3.42 -18.72 35.48
CA ALA B 79 -3.38 -20.07 36.02
C ALA B 79 -3.77 -21.17 35.06
N PRO B 80 -4.81 -21.03 34.22
CA PRO B 80 -5.16 -22.14 33.30
C PRO B 80 -4.07 -22.48 32.29
N LEU B 81 -3.08 -21.60 32.10
CA LEU B 81 -2.02 -21.79 31.11
C LEU B 81 -0.72 -22.25 31.74
N TYR B 82 -0.74 -22.65 33.01
CA TYR B 82 0.48 -23.10 33.70
C TYR B 82 0.66 -24.59 33.43
N PHE B 83 1.70 -24.94 32.68
CA PHE B 83 1.95 -26.32 32.25
C PHE B 83 3.39 -26.70 32.47
N PRO B 84 3.85 -26.81 33.72
CA PRO B 84 5.27 -27.14 33.96
C PRO B 84 5.68 -28.49 33.39
N MET B 85 4.84 -29.53 33.51
CA MET B 85 5.26 -30.83 33.00
C MET B 85 5.24 -30.86 31.47
N GLU B 86 4.22 -30.26 30.86
CA GLU B 86 4.08 -30.35 29.42
C GLU B 86 5.03 -29.43 28.68
N LEU B 87 5.25 -28.20 29.16
CA LEU B 87 5.90 -27.18 28.34
C LEU B 87 7.30 -26.75 28.78
N HIS B 88 7.59 -26.71 30.08
CA HIS B 88 8.81 -26.03 30.52
C HIS B 88 10.06 -26.64 29.88
N ARG B 89 11.00 -25.75 29.49
CA ARG B 89 12.19 -26.09 28.73
C ARG B 89 13.50 -25.97 29.50
N LYS B 90 13.50 -25.38 30.70
CA LYS B 90 14.77 -25.09 31.38
C LYS B 90 15.56 -26.35 31.64
N GLU B 91 14.87 -27.43 32.05
CA GLU B 91 15.56 -28.70 32.29
C GLU B 91 16.19 -29.24 31.01
N ALA B 92 15.46 -29.18 29.89
CA ALA B 92 15.99 -29.69 28.62
C ALA B 92 17.21 -28.88 28.17
N LEU B 93 17.12 -27.56 28.27
CA LEU B 93 18.22 -26.69 27.89
C LEU B 93 19.42 -26.91 28.79
N THR B 94 19.18 -27.16 30.08
CA THR B 94 20.29 -27.42 30.99
C THR B 94 21.10 -28.61 30.49
N LYS B 95 20.42 -29.65 30.02
CA LYS B 95 21.11 -30.82 29.48
C LYS B 95 21.83 -30.49 28.18
N ASP B 96 21.19 -29.72 27.30
CA ASP B 96 21.89 -29.27 26.10
C ASP B 96 23.13 -28.48 26.45
N MET B 97 23.06 -27.61 27.47
CA MET B 97 24.22 -26.82 27.87
C MET B 97 25.33 -27.70 28.42
N GLU B 98 24.99 -28.68 29.28
CA GLU B 98 25.97 -29.66 29.75
C GLU B 98 26.62 -30.41 28.59
N TYR B 99 25.81 -30.75 27.59
CA TYR B 99 26.33 -31.52 26.46
C TYR B 99 27.39 -30.74 25.69
N PHE B 100 27.12 -29.45 25.42
CA PHE B 100 28.00 -28.66 24.58
C PHE B 100 29.21 -28.14 25.34
N PHE B 101 29.02 -27.69 26.58
CA PHE B 101 30.10 -27.08 27.32
C PHE B 101 30.71 -27.98 28.39
N GLY B 102 30.06 -29.08 28.76
CA GLY B 102 30.51 -29.87 29.89
C GLY B 102 29.85 -29.44 31.19
N GLU B 103 30.32 -30.04 32.29
CA GLU B 103 29.65 -29.86 33.57
C GLU B 103 29.83 -28.46 34.15
N ASN B 104 30.95 -27.79 33.80
CA ASN B 104 31.23 -26.43 34.26
C ASN B 104 30.68 -25.36 33.34
N TRP B 105 29.61 -25.67 32.60
CA TRP B 105 29.11 -24.76 31.57
C TRP B 105 28.74 -23.40 32.12
N GLU B 106 28.24 -23.33 33.36
CA GLU B 106 27.75 -22.06 33.89
C GLU B 106 28.87 -21.02 33.99
N GLU B 107 30.10 -21.47 34.25
CA GLU B 107 31.24 -20.56 34.33
C GLU B 107 31.79 -20.14 32.96
N GLN B 108 31.38 -20.80 31.88
CA GLN B 108 31.88 -20.48 30.54
C GLN B 108 30.99 -19.55 29.72
N VAL B 109 29.80 -19.23 30.20
CA VAL B 109 28.84 -18.50 29.37
C VAL B 109 28.41 -17.23 30.07
N GLN B 110 27.99 -16.26 29.26
CA GLN B 110 27.36 -15.03 29.73
C GLN B 110 26.09 -14.80 28.90
N CYS B 111 25.06 -14.25 29.51
CA CYS B 111 23.87 -13.94 28.75
C CYS B 111 24.18 -12.82 27.76
N PRO B 112 23.86 -13.00 26.46
CA PRO B 112 24.06 -11.91 25.48
C PRO B 112 23.27 -10.66 25.84
N LYS B 113 23.74 -9.51 25.37
CA LYS B 113 23.21 -8.24 25.80
C LYS B 113 21.74 -8.08 25.41
N ALA B 114 21.40 -8.38 24.15
CA ALA B 114 20.00 -8.25 23.76
C ALA B 114 19.10 -9.21 24.54
N ALA B 115 19.58 -10.43 24.81
CA ALA B 115 18.77 -11.38 25.55
C ALA B 115 18.61 -10.94 27.01
N GLN B 116 19.65 -10.31 27.58
CA GLN B 116 19.53 -9.80 28.95
C GLN B 116 18.42 -8.75 29.06
N LYS B 117 18.31 -7.88 28.05
CA LYS B 117 17.25 -6.86 28.03
C LYS B 117 15.87 -7.50 27.96
N TYR B 118 15.73 -8.57 27.19
CA TYR B 118 14.45 -9.29 27.15
C TYR B 118 14.17 -9.98 28.48
N VAL B 119 15.19 -10.55 29.11
CA VAL B 119 15.01 -11.15 30.44
C VAL B 119 14.49 -10.12 31.43
N GLU B 120 15.05 -8.90 31.41
CA GLU B 120 14.56 -7.84 32.29
C GLU B 120 13.09 -7.53 32.04
N ARG B 121 12.66 -7.54 30.77
CA ARG B 121 11.27 -7.26 30.46
C ARG B 121 10.34 -8.38 30.96
N ILE B 122 10.80 -9.63 30.91
CA ILE B 122 9.99 -10.76 31.39
C ILE B 122 9.80 -10.65 32.89
N HIS B 123 10.88 -10.39 33.63
CA HIS B 123 10.77 -10.22 35.07
C HIS B 123 9.87 -9.05 35.43
N TYR B 124 9.99 -7.93 34.69
CA TYR B 124 9.10 -6.80 34.95
C TYR B 124 7.63 -7.19 34.76
N ILE B 125 7.32 -7.92 33.69
CA ILE B 125 5.94 -8.30 33.44
C ILE B 125 5.46 -9.27 34.52
N GLY B 126 6.28 -10.27 34.85
CA GLY B 126 5.86 -11.27 35.82
C GLY B 126 5.61 -10.69 37.20
N GLN B 127 6.27 -9.58 37.52
CA GLN B 127 6.18 -8.98 38.84
C GLN B 127 5.23 -7.80 38.90
N ASN B 128 4.77 -7.29 37.75
CA ASN B 128 3.99 -6.06 37.73
C ASN B 128 2.79 -6.08 36.80
N GLU B 129 2.80 -6.86 35.72
CA GLU B 129 1.65 -6.94 34.82
C GLU B 129 1.45 -8.39 34.38
N PRO B 130 1.14 -9.28 35.34
CA PRO B 130 1.12 -10.72 35.04
C PRO B 130 0.05 -11.11 34.05
N GLU B 131 -0.96 -10.27 33.83
CA GLU B 131 -1.96 -10.54 32.81
C GLU B 131 -1.37 -10.43 31.41
N LEU B 132 -0.16 -9.91 31.26
CA LEU B 132 0.52 -9.90 29.97
C LEU B 132 1.51 -11.03 29.83
N LEU B 133 1.67 -11.86 30.85
CA LEU B 133 2.60 -12.98 30.77
C LEU B 133 2.26 -13.92 29.63
N VAL B 134 0.97 -14.11 29.36
CA VAL B 134 0.54 -14.96 28.25
C VAL B 134 1.11 -14.46 26.91
N ALA B 135 1.32 -13.14 26.76
CA ALA B 135 1.91 -12.67 25.51
C ALA B 135 3.28 -13.30 25.25
N HIS B 136 4.07 -13.47 26.30
CA HIS B 136 5.38 -14.08 26.14
C HIS B 136 5.29 -15.60 26.02
N ALA B 137 4.41 -16.22 26.81
CA ALA B 137 4.29 -17.69 26.79
C ALA B 137 3.70 -18.17 25.48
N TYR B 138 2.71 -17.43 24.95
CA TYR B 138 2.03 -17.88 23.75
C TYR B 138 2.96 -17.83 22.54
N THR B 139 3.74 -16.76 22.42
CA THR B 139 4.65 -16.68 21.28
C THR B 139 5.77 -17.71 21.40
N ARG B 140 6.33 -17.90 22.59
CA ARG B 140 7.39 -18.89 22.76
C ARG B 140 6.89 -20.30 22.51
N TYR B 141 6.03 -20.83 23.37
CA TYR B 141 5.84 -22.28 23.40
C TYR B 141 4.99 -22.79 22.25
N MET B 142 3.98 -22.03 21.81
CA MET B 142 3.20 -22.47 20.66
C MET B 142 4.09 -22.63 19.44
N GLY B 143 5.06 -21.72 19.26
CA GLY B 143 5.99 -21.85 18.18
C GLY B 143 6.99 -22.98 18.39
N ASP B 144 7.37 -23.22 19.65
CA ASP B 144 8.27 -24.35 19.94
C ASP B 144 7.57 -25.68 19.64
N LEU B 145 6.28 -25.79 20.00
CA LEU B 145 5.55 -27.03 19.76
C LEU B 145 5.43 -27.33 18.26
N SER B 146 5.18 -26.30 17.45
CA SER B 146 4.95 -26.49 16.02
C SER B 146 6.25 -26.62 15.23
N GLY B 147 7.32 -25.96 15.67
CA GLY B 147 8.56 -25.96 14.91
C GLY B 147 9.57 -27.00 15.33
N GLY B 148 9.35 -27.62 16.48
CA GLY B 148 10.30 -28.51 17.11
C GLY B 148 10.98 -29.52 16.20
N GLN B 149 10.19 -30.39 15.54
CA GLN B 149 10.77 -31.52 14.82
C GLN B 149 11.61 -31.06 13.62
N VAL B 150 11.14 -30.04 12.88
CA VAL B 150 11.88 -29.55 11.72
C VAL B 150 13.24 -29.00 12.14
N LEU B 151 13.23 -28.01 13.04
CA LEU B 151 14.48 -27.41 13.49
C LEU B 151 15.40 -28.43 14.14
N LYS B 152 14.81 -29.37 14.89
CA LYS B 152 15.61 -30.43 15.52
C LYS B 152 16.40 -31.23 14.47
N LYS B 153 15.78 -31.54 13.34
CA LYS B 153 16.44 -32.38 12.35
C LYS B 153 17.60 -31.65 11.68
N VAL B 154 17.35 -30.41 11.24
CA VAL B 154 18.43 -29.61 10.64
C VAL B 154 19.61 -29.51 11.59
N ALA B 155 19.36 -29.32 12.88
CA ALA B 155 20.46 -29.15 13.82
C ALA B 155 21.26 -30.43 13.98
N GLN B 156 20.59 -31.57 14.14
CA GLN B 156 21.30 -32.84 14.23
C GLN B 156 22.14 -33.10 12.99
N ARG B 157 21.59 -32.79 11.81
CA ARG B 157 22.32 -33.00 10.57
C ARG B 157 23.48 -32.03 10.44
N ALA B 158 23.21 -30.73 10.59
CA ALA B 158 24.23 -29.70 10.40
C ALA B 158 25.43 -29.91 11.31
N LEU B 159 25.17 -30.16 12.60
CA LEU B 159 26.23 -30.23 13.59
C LEU B 159 26.67 -31.66 13.91
N LYS B 160 26.14 -32.65 13.19
CA LYS B 160 26.49 -34.06 13.37
C LYS B 160 26.27 -34.50 14.83
N LEU B 161 25.00 -34.25 15.36
CA LEU B 161 24.66 -34.56 16.74
C LEU B 161 24.04 -35.96 16.84
N PRO B 162 24.19 -36.63 17.98
CA PRO B 162 23.72 -38.02 18.09
C PRO B 162 22.24 -38.16 17.75
N SER B 163 21.91 -39.33 17.22
CA SER B 163 20.51 -39.64 16.92
C SER B 163 19.69 -39.85 18.18
N THR B 164 20.34 -40.16 19.30
CA THR B 164 19.65 -40.33 20.58
C THR B 164 19.22 -39.01 21.21
N GLY B 165 19.59 -37.87 20.63
CA GLY B 165 19.00 -36.59 20.98
C GLY B 165 19.81 -35.65 21.87
N GLU B 166 21.01 -36.03 22.28
CA GLU B 166 21.84 -35.14 23.09
C GLU B 166 22.15 -33.86 22.31
N GLY B 167 21.98 -32.71 22.98
CA GLY B 167 22.22 -31.44 22.34
C GLY B 167 21.00 -30.79 21.72
N THR B 168 19.91 -31.54 21.50
CA THR B 168 18.67 -30.99 20.96
C THR B 168 17.45 -31.33 21.83
N GLN B 169 17.66 -31.59 23.12
CA GLN B 169 16.54 -31.92 23.99
C GLN B 169 15.56 -30.75 24.12
N PHE B 170 16.04 -29.50 23.92
CA PHE B 170 15.15 -28.34 23.91
C PHE B 170 13.98 -28.52 22.94
N TYR B 171 14.23 -29.21 21.82
CA TYR B 171 13.26 -29.35 20.74
C TYR B 171 12.27 -30.49 20.95
N LEU B 172 12.43 -31.27 22.00
CA LEU B 172 11.61 -32.46 22.25
C LEU B 172 10.73 -32.22 23.46
N PHE B 173 9.42 -32.28 23.25
CA PHE B 173 8.45 -32.21 24.35
C PHE B 173 8.04 -33.64 24.71
N GLU B 174 8.81 -34.27 25.61
CA GLU B 174 8.55 -35.67 25.99
C GLU B 174 7.16 -35.89 26.57
N ASN B 175 6.54 -34.86 27.15
CA ASN B 175 5.29 -35.04 27.88
C ASN B 175 4.07 -34.54 27.12
N VAL B 176 4.20 -34.21 25.84
CA VAL B 176 3.07 -33.84 25.01
C VAL B 176 2.88 -34.93 23.96
N ASP B 177 1.80 -35.70 24.09
CA ASP B 177 1.56 -36.81 23.18
C ASP B 177 1.27 -36.31 21.77
N ASN B 178 0.40 -35.32 21.64
CA ASN B 178 0.02 -34.78 20.35
C ASN B 178 0.10 -33.26 20.42
N ALA B 179 1.11 -32.69 19.75
CA ALA B 179 1.35 -31.25 19.82
C ALA B 179 0.17 -30.44 19.31
N GLN B 180 -0.45 -30.90 18.21
CA GLN B 180 -1.58 -30.16 17.64
C GLN B 180 -2.80 -30.21 18.56
N GLN B 181 -3.07 -31.36 19.16
CA GLN B 181 -4.16 -31.44 20.12
C GLN B 181 -3.89 -30.59 21.35
N PHE B 182 -2.64 -30.57 21.83
CA PHE B 182 -2.30 -29.72 22.96
C PHE B 182 -2.43 -28.23 22.59
N LYS B 183 -1.93 -27.83 21.42
CA LYS B 183 -2.06 -26.42 21.01
C LYS B 183 -3.52 -26.00 20.99
N GLN B 184 -4.40 -26.88 20.52
CA GLN B 184 -5.82 -26.55 20.47
C GLN B 184 -6.39 -26.40 21.88
N LEU B 185 -5.99 -27.27 22.80
CA LEU B 185 -6.43 -27.13 24.20
C LEU B 185 -5.91 -25.83 24.82
N TYR B 186 -4.64 -25.51 24.57
CA TYR B 186 -4.06 -24.25 25.09
C TYR B 186 -4.84 -23.05 24.57
N ARG B 187 -5.17 -23.03 23.27
CA ARG B 187 -5.88 -21.89 22.71
C ARG B 187 -7.27 -21.76 23.31
N ALA B 188 -7.96 -22.88 23.48
CA ALA B 188 -9.28 -22.88 24.11
C ALA B 188 -9.23 -22.30 25.51
N ARG B 189 -8.22 -22.66 26.32
CA ARG B 189 -8.12 -22.07 27.64
C ARG B 189 -7.80 -20.58 27.59
N MET B 190 -6.87 -20.18 26.71
CA MET B 190 -6.53 -18.76 26.57
C MET B 190 -7.74 -17.94 26.14
N ASN B 191 -8.56 -18.48 25.23
CA ASN B 191 -9.74 -17.75 24.78
C ASN B 191 -10.83 -17.72 25.83
N ALA B 192 -10.83 -18.66 26.79
CA ALA B 192 -11.80 -18.64 27.87
C ALA B 192 -11.41 -17.71 29.02
N LEU B 193 -10.22 -17.13 28.99
CA LEU B 193 -9.84 -16.18 30.04
C LEU B 193 -10.77 -14.97 30.02
N ASP B 194 -11.15 -14.51 31.21
CA ASP B 194 -12.07 -13.38 31.35
C ASP B 194 -11.26 -12.10 31.25
N LEU B 195 -11.13 -11.59 30.03
CA LEU B 195 -10.31 -10.42 29.75
C LEU B 195 -11.15 -9.43 28.95
N ASN B 196 -11.16 -8.17 29.39
CA ASN B 196 -11.82 -7.13 28.61
C ASN B 196 -10.96 -6.77 27.39
N MET B 197 -11.56 -6.02 26.47
CA MET B 197 -10.93 -5.80 25.17
C MET B 197 -9.67 -4.94 25.30
N LYS B 198 -9.62 -4.07 26.30
CA LYS B 198 -8.43 -3.25 26.51
C LYS B 198 -7.24 -4.10 26.93
N THR B 199 -7.49 -5.13 27.76
CA THR B 199 -6.42 -6.04 28.15
C THR B 199 -6.00 -6.94 27.00
N LYS B 200 -6.97 -7.40 26.20
CA LYS B 200 -6.61 -8.19 25.02
C LYS B 200 -5.71 -7.37 24.09
N GLU B 201 -5.99 -6.08 23.93
CA GLU B 201 -5.17 -5.24 23.07
C GLU B 201 -3.76 -5.07 23.63
N ARG B 202 -3.65 -4.87 24.95
CA ARG B 202 -2.33 -4.79 25.57
C ARG B 202 -1.57 -6.10 25.44
N ILE B 203 -2.28 -7.23 25.40
CA ILE B 203 -1.61 -8.52 25.23
C ILE B 203 -1.02 -8.62 23.82
N VAL B 204 -1.78 -8.21 22.81
CA VAL B 204 -1.28 -8.14 21.44
C VAL B 204 -0.05 -7.24 21.37
N GLU B 205 -0.13 -6.07 21.99
CA GLU B 205 0.99 -5.14 21.99
C GLU B 205 2.23 -5.76 22.63
N GLU B 206 2.04 -6.46 23.75
CA GLU B 206 3.18 -7.10 24.41
C GLU B 206 3.77 -8.21 23.56
N ALA B 207 2.91 -8.94 22.83
CA ALA B 207 3.42 -9.99 21.94
C ALA B 207 4.29 -9.38 20.84
N ASN B 208 3.86 -8.25 20.28
CA ASN B 208 4.68 -7.55 19.30
C ASN B 208 6.01 -7.11 19.89
N LYS B 209 6.01 -6.69 21.16
CA LYS B 209 7.26 -6.34 21.81
C LYS B 209 8.16 -7.56 21.96
N ALA B 210 7.57 -8.72 22.25
CA ALA B 210 8.35 -9.95 22.37
C ALA B 210 9.01 -10.30 21.05
N PHE B 211 8.27 -10.20 19.95
CA PHE B 211 8.84 -10.51 18.64
C PHE B 211 9.97 -9.54 18.29
N GLU B 212 9.85 -8.29 18.72
CA GLU B 212 10.90 -7.31 18.46
C GLU B 212 12.16 -7.63 19.25
N TYR B 213 12.01 -8.10 20.49
CA TYR B 213 13.16 -8.62 21.23
C TYR B 213 13.78 -9.81 20.53
N ASN B 214 12.95 -10.75 20.05
CA ASN B 214 13.49 -11.92 19.36
C ASN B 214 14.36 -11.52 18.19
N MET B 215 13.92 -10.49 17.44
CA MET B 215 14.71 -10.01 16.31
C MET B 215 16.05 -9.44 16.74
N GLN B 216 16.06 -8.67 17.84
CA GLN B 216 17.32 -8.14 18.35
C GLN B 216 18.26 -9.25 18.77
N ILE B 217 17.73 -10.31 19.38
CA ILE B 217 18.56 -11.45 19.76
C ILE B 217 19.12 -12.11 18.50
N PHE B 218 18.27 -12.29 17.49
CA PHE B 218 18.71 -12.86 16.21
C PHE B 218 19.77 -12.00 15.54
N ASN B 219 19.59 -10.67 15.55
CA ASN B 219 20.59 -9.80 14.94
C ASN B 219 21.92 -9.89 15.70
N GLU B 220 21.86 -9.92 17.04
CA GLU B 220 23.11 -10.02 17.81
C GLU B 220 23.82 -11.36 17.52
N LEU B 221 23.05 -12.42 17.29
CA LEU B 221 23.66 -13.71 16.94
C LEU B 221 24.33 -13.63 15.57
N ASP B 222 23.66 -13.00 14.60
CA ASP B 222 24.26 -12.82 13.28
C ASP B 222 25.55 -11.98 13.35
N GLN B 223 25.60 -10.99 14.25
CA GLN B 223 26.81 -10.18 14.44
C GLN B 223 27.97 -10.96 15.06
N ALA B 224 27.70 -12.09 15.71
CA ALA B 224 28.76 -12.80 16.41
C ALA B 224 29.71 -13.48 15.45
N ALA C 15 31.60 4.39 5.20
CA ALA C 15 30.17 4.51 4.91
C ALA C 15 29.52 5.71 5.63
N ASP C 16 28.90 6.61 4.87
CA ASP C 16 28.20 7.74 5.45
C ASP C 16 26.96 7.28 6.20
N LEU C 17 26.71 7.91 7.35
CA LEU C 17 25.49 7.62 8.11
C LEU C 17 24.23 7.84 7.28
N SER C 18 24.19 8.90 6.46
CA SER C 18 23.00 9.12 5.64
C SER C 18 22.75 7.93 4.72
N GLU C 19 23.82 7.31 4.21
CA GLU C 19 23.66 6.17 3.32
C GLU C 19 23.18 4.93 4.06
N LEU C 20 23.74 4.68 5.26
CA LEU C 20 23.28 3.56 6.07
C LEU C 20 21.79 3.70 6.42
N LEU C 21 21.35 4.93 6.69
CA LEU C 21 19.93 5.17 6.96
C LEU C 21 19.09 4.89 5.73
N LYS C 22 19.52 5.41 4.57
CA LYS C 22 18.74 5.23 3.33
C LYS C 22 18.56 3.74 3.02
N GLU C 23 19.63 2.96 3.06
CA GLU C 23 19.51 1.54 2.76
C GLU C 23 18.81 0.78 3.89
N GLY C 24 19.13 1.10 5.15
CA GLY C 24 18.67 0.31 6.29
C GLY C 24 17.25 0.58 6.76
N THR C 25 16.64 1.71 6.38
CA THR C 25 15.28 2.03 6.81
C THR C 25 14.27 1.93 5.67
N LYS C 26 14.68 1.47 4.49
CA LYS C 26 13.82 1.54 3.31
C LYS C 26 12.50 0.80 3.54
N GLU C 27 12.55 -0.40 4.10
CA GLU C 27 11.34 -1.21 4.22
C GLU C 27 10.35 -0.58 5.19
N ALA C 28 10.81 -0.14 6.37
CA ALA C 28 9.89 0.48 7.32
C ALA C 28 9.33 1.78 6.76
N HIS C 29 10.15 2.54 6.02
CA HIS C 29 9.66 3.77 5.43
C HIS C 29 8.51 3.49 4.46
N ASP C 30 8.69 2.47 3.60
CA ASP C 30 7.68 2.14 2.60
C ASP C 30 6.41 1.58 3.24
N ARG C 31 6.53 0.88 4.37
CA ARG C 31 5.35 0.39 5.07
C ARG C 31 4.49 1.55 5.56
N ALA C 32 5.11 2.55 6.20
CA ALA C 32 4.33 3.67 6.72
C ALA C 32 3.76 4.52 5.57
N GLU C 33 4.51 4.64 4.47
CA GLU C 33 3.98 5.32 3.29
C GLU C 33 2.80 4.58 2.66
N ASN C 34 2.67 3.27 2.91
CA ASN C 34 1.63 2.48 2.29
C ASN C 34 0.39 2.31 3.17
N THR C 35 0.36 2.96 4.34
CA THR C 35 -0.83 2.89 5.17
C THR C 35 -2.03 3.55 4.48
N GLN C 36 -3.23 3.10 4.88
CA GLN C 36 -4.44 3.65 4.26
C GLN C 36 -4.58 5.14 4.54
N PHE C 37 -4.15 5.60 5.71
CA PHE C 37 -4.24 7.04 5.99
C PHE C 37 -3.42 7.85 4.99
N VAL C 38 -2.15 7.47 4.77
CA VAL C 38 -1.31 8.25 3.86
C VAL C 38 -1.84 8.17 2.42
N LYS C 39 -2.25 6.98 1.99
CA LYS C 39 -2.80 6.86 0.64
C LYS C 39 -4.08 7.67 0.50
N ASP C 40 -5.00 7.56 1.47
CA ASP C 40 -6.23 8.33 1.43
C ASP C 40 -5.95 9.83 1.36
N PHE C 41 -5.00 10.31 2.17
CA PHE C 41 -4.73 11.74 2.20
C PHE C 41 -4.25 12.25 0.84
N LEU C 42 -3.35 11.51 0.20
CA LEU C 42 -2.79 11.95 -1.07
C LEU C 42 -3.85 12.01 -2.17
N LYS C 43 -4.87 11.14 -2.08
CA LYS C 43 -6.00 11.20 -2.99
C LYS C 43 -7.00 12.31 -2.65
N GLY C 44 -6.71 13.13 -1.64
CA GLY C 44 -7.62 14.19 -1.25
C GLY C 44 -8.80 13.73 -0.43
N ASN C 45 -8.76 12.51 0.10
CA ASN C 45 -9.86 11.97 0.91
C ASN C 45 -9.56 12.20 2.39
N ILE C 46 -9.67 13.45 2.81
CA ILE C 46 -9.43 13.81 4.19
C ILE C 46 -10.54 14.75 4.65
N LYS C 47 -11.25 14.35 5.69
CA LYS C 47 -12.28 15.21 6.27
C LYS C 47 -11.70 16.02 7.42
N LYS C 48 -12.39 17.14 7.70
CA LYS C 48 -11.84 18.13 8.62
C LYS C 48 -11.56 17.54 9.99
N GLU C 49 -12.50 16.76 10.53
CA GLU C 49 -12.28 16.26 11.89
C GLU C 49 -11.09 15.31 11.94
N LEU C 50 -10.86 14.53 10.89
CA LEU C 50 -9.72 13.62 10.89
C LEU C 50 -8.41 14.38 10.69
N PHE C 51 -8.42 15.40 9.83
CA PHE C 51 -7.24 16.25 9.70
C PHE C 51 -6.92 16.94 11.02
N LYS C 52 -7.97 17.40 11.73
CA LYS C 52 -7.74 18.02 13.04
C LYS C 52 -7.08 17.05 14.01
N LEU C 53 -7.47 15.76 13.94
CA LEU C 53 -6.87 14.75 14.81
C LEU C 53 -5.43 14.47 14.41
N ALA C 54 -5.15 14.39 13.10
CA ALA C 54 -3.77 14.21 12.68
C ALA C 54 -2.88 15.39 13.08
N THR C 55 -3.40 16.62 12.95
CA THR C 55 -2.64 17.81 13.35
C THR C 55 -2.34 17.81 14.84
N THR C 56 -3.32 17.36 15.64
CA THR C 56 -3.13 17.22 17.08
C THR C 56 -1.97 16.28 17.39
N ALA C 57 -1.92 15.12 16.72
CA ALA C 57 -0.81 14.19 16.94
C ALA C 57 0.52 14.82 16.54
N LEU C 58 0.53 15.59 15.44
CA LEU C 58 1.74 16.32 15.05
C LEU C 58 2.18 17.28 16.15
N TYR C 59 1.23 18.06 16.68
CA TYR C 59 1.55 19.03 17.72
C TYR C 59 2.31 18.38 18.86
N PHE C 60 1.77 17.28 19.40
CA PHE C 60 2.39 16.67 20.57
C PHE C 60 3.71 16.00 20.20
N THR C 61 3.79 15.42 19.01
CA THR C 61 5.03 14.78 18.58
C THR C 61 6.16 15.80 18.44
N TYR C 62 5.94 16.88 17.68
CA TYR C 62 6.99 17.85 17.46
C TYR C 62 7.30 18.64 18.70
N SER C 63 6.30 18.88 19.55
CA SER C 63 6.58 19.51 20.85
C SER C 63 7.60 18.70 21.65
N ALA C 64 7.44 17.38 21.70
CA ALA C 64 8.37 16.52 22.44
C ALA C 64 9.73 16.50 21.78
N LEU C 65 9.76 16.33 20.46
CA LEU C 65 11.03 16.27 19.75
C LEU C 65 11.84 17.56 19.94
N GLU C 66 11.18 18.72 19.85
CA GLU C 66 11.92 19.98 19.93
C GLU C 66 12.34 20.29 21.37
N GLU C 67 11.58 19.83 22.36
CA GLU C 67 12.04 19.93 23.73
C GLU C 67 13.33 19.14 23.92
N GLU C 68 13.42 17.96 23.31
CA GLU C 68 14.61 17.13 23.47
C GLU C 68 15.80 17.66 22.65
N MET C 69 15.53 18.25 21.49
CA MET C 69 16.63 18.85 20.74
C MET C 69 17.19 20.07 21.46
N GLU C 70 16.31 20.90 22.03
CA GLU C 70 16.81 22.03 22.81
C GLU C 70 17.62 21.56 24.01
N ARG C 71 17.14 20.51 24.69
CA ARG C 71 17.89 19.95 25.81
C ARG C 71 19.32 19.59 25.40
N ASN C 72 19.47 19.08 24.19
CA ASN C 72 20.76 18.58 23.73
C ASN C 72 21.46 19.53 22.78
N LYS C 73 21.13 20.83 22.84
CA LYS C 73 21.61 21.77 21.84
C LYS C 73 23.13 21.92 21.84
N ASP C 74 23.78 21.67 22.98
CA ASP C 74 25.22 21.72 23.07
C ASP C 74 25.87 20.35 23.08
N HIS C 75 25.09 19.29 22.99
CA HIS C 75 25.67 17.94 23.10
C HIS C 75 26.50 17.63 21.87
N PRO C 76 27.75 17.15 22.03
CA PRO C 76 28.63 16.94 20.86
C PRO C 76 28.06 15.99 19.83
N ALA C 77 27.20 15.05 20.24
CA ALA C 77 26.63 14.11 19.28
C ALA C 77 25.39 14.67 18.57
N PHE C 78 24.93 15.87 18.93
CA PHE C 78 23.77 16.46 18.27
C PHE C 78 23.92 17.92 17.90
N ALA C 79 24.81 18.67 18.57
CA ALA C 79 24.84 20.12 18.42
C ALA C 79 24.92 20.62 16.97
N PRO C 80 25.68 20.01 16.05
CA PRO C 80 25.73 20.55 14.68
C PRO C 80 24.38 20.58 13.99
N LEU C 81 23.41 19.78 14.46
CA LEU C 81 22.11 19.63 13.84
C LEU C 81 21.03 20.41 14.55
N TYR C 82 21.40 21.28 15.49
CA TYR C 82 20.41 22.10 16.18
C TYR C 82 20.04 23.29 15.30
N PHE C 83 18.82 23.28 14.75
CA PHE C 83 18.34 24.32 13.84
C PHE C 83 16.96 24.85 14.26
N PRO C 84 16.86 25.51 15.41
CA PRO C 84 15.52 25.95 15.86
C PRO C 84 14.86 26.93 14.92
N MET C 85 15.60 27.92 14.39
CA MET C 85 14.98 28.89 13.50
C MET C 85 14.54 28.26 12.18
N GLU C 86 15.37 27.40 11.61
CA GLU C 86 15.04 26.84 10.31
C GLU C 86 13.97 25.75 10.39
N LEU C 87 14.06 24.85 11.37
CA LEU C 87 13.27 23.62 11.32
C LEU C 87 12.09 23.55 12.29
N HIS C 88 12.16 24.15 13.47
CA HIS C 88 11.18 23.83 14.50
C HIS C 88 9.77 24.21 14.08
N ARG C 89 8.83 23.33 14.43
CA ARG C 89 7.46 23.32 13.93
C ARG C 89 6.42 23.64 14.98
N LYS C 90 6.79 23.63 16.28
CA LYS C 90 5.78 23.83 17.32
C LYS C 90 5.04 25.16 17.17
N GLU C 91 5.75 26.24 16.84
CA GLU C 91 5.07 27.52 16.67
C GLU C 91 4.06 27.47 15.53
N ALA C 92 4.47 26.90 14.39
CA ALA C 92 3.55 26.79 13.25
C ALA C 92 2.33 25.95 13.60
N LEU C 93 2.56 24.81 14.27
CA LEU C 93 1.47 23.91 14.64
C LEU C 93 0.54 24.56 15.65
N THR C 94 1.07 25.40 16.54
CA THR C 94 0.21 26.10 17.49
C THR C 94 -0.78 27.00 16.75
N LYS C 95 -0.31 27.68 15.70
CA LYS C 95 -1.20 28.52 14.91
C LYS C 95 -2.24 27.69 14.16
N ASP C 96 -1.82 26.52 13.63
CA ASP C 96 -2.79 25.64 12.97
C ASP C 96 -3.84 25.12 13.95
N MET C 97 -3.44 24.74 15.17
CA MET C 97 -4.42 24.32 16.18
C MET C 97 -5.37 25.46 16.55
N GLU C 98 -4.83 26.67 16.73
CA GLU C 98 -5.67 27.84 16.96
C GLU C 98 -6.68 28.02 15.84
N TYR C 99 -6.26 27.81 14.60
CA TYR C 99 -7.15 28.03 13.47
C TYR C 99 -8.29 27.02 13.46
N PHE C 100 -7.97 25.73 13.68
CA PHE C 100 -8.98 24.68 13.55
C PHE C 100 -9.89 24.61 14.78
N PHE C 101 -9.35 24.83 15.99
CA PHE C 101 -10.14 24.67 17.20
C PHE C 101 -10.52 25.98 17.88
N GLY C 102 -9.86 27.09 17.54
CA GLY C 102 -10.08 28.33 18.26
C GLY C 102 -9.01 28.56 19.31
N GLU C 103 -9.23 29.61 20.12
CA GLU C 103 -8.27 30.01 21.14
C GLU C 103 -8.23 29.04 22.32
N ASN C 104 -9.31 28.29 22.55
CA ASN C 104 -9.40 27.33 23.64
C ASN C 104 -9.02 25.90 23.20
N TRP C 105 -8.10 25.78 22.25
CA TRP C 105 -7.85 24.47 21.63
C TRP C 105 -7.28 23.47 22.62
N GLU C 106 -6.42 23.92 23.54
CA GLU C 106 -5.77 22.97 24.45
C GLU C 106 -6.79 22.22 25.31
N GLU C 107 -7.91 22.86 25.65
CA GLU C 107 -8.94 22.17 26.41
C GLU C 107 -9.76 21.19 25.57
N GLN C 108 -9.64 21.24 24.25
CA GLN C 108 -10.48 20.42 23.38
C GLN C 108 -9.82 19.15 22.87
N VAL C 109 -8.53 18.93 23.14
CA VAL C 109 -7.79 17.84 22.54
C VAL C 109 -7.13 16.99 23.61
N GLN C 110 -6.91 15.71 23.27
CA GLN C 110 -6.07 14.79 24.02
C GLN C 110 -5.06 14.16 23.06
N CYS C 111 -3.83 13.94 23.52
CA CYS C 111 -2.86 13.26 22.68
C CYS C 111 -3.29 11.83 22.42
N PRO C 112 -3.47 11.40 21.17
CA PRO C 112 -3.91 10.03 20.88
C PRO C 112 -2.91 9.00 21.38
N LYS C 113 -3.42 7.80 21.66
CA LYS C 113 -2.65 6.82 22.42
C LYS C 113 -1.34 6.44 21.74
N ALA C 114 -1.38 6.16 20.43
CA ALA C 114 -0.14 5.77 19.75
C ALA C 114 0.86 6.92 19.70
N ALA C 115 0.38 8.16 19.53
CA ALA C 115 1.30 9.30 19.54
C ALA C 115 1.90 9.51 20.92
N GLN C 116 1.14 9.23 21.98
CA GLN C 116 1.70 9.37 23.32
C GLN C 116 2.82 8.36 23.55
N LYS C 117 2.67 7.14 23.02
CA LYS C 117 3.74 6.15 23.14
C LYS C 117 5.01 6.61 22.43
N TYR C 118 4.86 7.30 21.30
CA TYR C 118 6.03 7.82 20.58
C TYR C 118 6.66 8.99 21.34
N VAL C 119 5.84 9.91 21.85
CA VAL C 119 6.31 10.99 22.70
C VAL C 119 7.15 10.44 23.85
N GLU C 120 6.69 9.36 24.48
CA GLU C 120 7.45 8.72 25.56
C GLU C 120 8.82 8.24 25.09
N ARG C 121 8.89 7.60 23.91
CA ARG C 121 10.18 7.17 23.36
C ARG C 121 11.10 8.36 23.10
N ILE C 122 10.56 9.46 22.56
CA ILE C 122 11.38 10.63 22.27
C ILE C 122 12.00 11.19 23.55
N HIS C 123 11.21 11.27 24.61
CA HIS C 123 11.75 11.77 25.88
C HIS C 123 12.81 10.83 26.43
N TYR C 124 12.57 9.52 26.38
CA TYR C 124 13.58 8.55 26.81
C TYR C 124 14.91 8.75 26.07
N ILE C 125 14.85 8.87 24.74
CA ILE C 125 16.06 8.98 23.94
C ILE C 125 16.77 10.31 24.21
N GLY C 126 16.02 11.41 24.19
CA GLY C 126 16.63 12.70 24.43
C GLY C 126 17.30 12.81 25.78
N GLN C 127 16.75 12.11 26.79
CA GLN C 127 17.29 12.19 28.14
C GLN C 127 18.36 11.13 28.43
N ASN C 128 18.33 9.99 27.74
CA ASN C 128 19.22 8.89 28.11
C ASN C 128 20.11 8.33 26.99
N GLU C 129 19.75 8.49 25.72
CA GLU C 129 20.61 8.06 24.61
C GLU C 129 20.62 9.13 23.52
N PRO C 130 21.10 10.34 23.85
CA PRO C 130 20.94 11.46 22.90
C PRO C 130 21.73 11.30 21.62
N GLU C 131 22.71 10.39 21.58
CA GLU C 131 23.37 10.10 20.32
C GLU C 131 22.43 9.44 19.32
N LEU C 132 21.22 9.03 19.75
CA LEU C 132 20.22 8.45 18.87
C LEU C 132 19.14 9.44 18.47
N LEU C 133 19.16 10.65 19.04
CA LEU C 133 18.12 11.62 18.76
C LEU C 133 18.06 11.98 17.28
N VAL C 134 19.21 11.96 16.61
CA VAL C 134 19.26 12.23 15.18
C VAL C 134 18.40 11.24 14.40
N ALA C 135 18.22 10.01 14.91
CA ALA C 135 17.35 9.07 14.22
C ALA C 135 15.94 9.62 14.08
N HIS C 136 15.47 10.34 15.10
CA HIS C 136 14.12 10.91 15.09
C HIS C 136 14.08 12.23 14.33
N ALA C 137 15.14 13.03 14.44
CA ALA C 137 15.16 14.32 13.77
C ALA C 137 15.29 14.15 12.26
N TYR C 138 16.21 13.27 11.84
CA TYR C 138 16.44 13.10 10.41
C TYR C 138 15.21 12.53 9.72
N THR C 139 14.50 11.60 10.36
CA THR C 139 13.31 11.04 9.75
C THR C 139 12.15 12.05 9.70
N ARG C 140 11.99 12.88 10.72
CA ARG C 140 10.89 13.83 10.67
C ARG C 140 11.20 14.98 9.69
N TYR C 141 12.23 15.77 9.98
CA TYR C 141 12.34 17.08 9.34
C TYR C 141 12.75 16.99 7.88
N MET C 142 13.63 16.05 7.51
CA MET C 142 14.01 15.92 6.11
C MET C 142 12.82 15.52 5.25
N GLY C 143 12.00 14.59 5.74
CA GLY C 143 10.76 14.29 5.04
C GLY C 143 9.84 15.50 4.97
N ASP C 144 9.72 16.23 6.10
CA ASP C 144 8.90 17.44 6.14
C ASP C 144 9.36 18.46 5.10
N LEU C 145 10.67 18.72 5.06
CA LEU C 145 11.21 19.72 4.13
C LEU C 145 10.93 19.34 2.67
N SER C 146 11.16 18.08 2.31
CA SER C 146 10.95 17.64 0.93
C SER C 146 9.47 17.65 0.55
N GLY C 147 8.59 17.19 1.44
CA GLY C 147 7.21 16.96 1.08
C GLY C 147 6.22 18.04 1.45
N GLY C 148 6.65 19.06 2.18
CA GLY C 148 5.69 20.02 2.71
C GLY C 148 4.86 20.70 1.63
N GLN C 149 5.47 20.98 0.48
CA GLN C 149 4.78 21.74 -0.56
C GLN C 149 3.64 20.93 -1.17
N VAL C 150 3.91 19.65 -1.50
CA VAL C 150 2.89 18.79 -2.10
C VAL C 150 1.75 18.55 -1.12
N LEU C 151 2.10 18.25 0.14
CA LEU C 151 1.08 17.92 1.13
C LEU C 151 0.24 19.14 1.48
N LYS C 152 0.86 20.31 1.52
CA LYS C 152 0.14 21.54 1.84
C LYS C 152 -0.98 21.80 0.84
N LYS C 153 -0.66 21.72 -0.45
CA LYS C 153 -1.66 21.95 -1.49
C LYS C 153 -2.81 20.96 -1.41
N VAL C 154 -2.49 19.67 -1.23
CA VAL C 154 -3.51 18.65 -1.07
C VAL C 154 -4.49 19.04 0.04
N ALA C 155 -3.95 19.43 1.20
CA ALA C 155 -4.81 19.78 2.34
C ALA C 155 -5.62 21.04 2.07
N GLN C 156 -4.98 22.09 1.52
CA GLN C 156 -5.70 23.33 1.24
C GLN C 156 -6.90 23.06 0.33
N ARG C 157 -6.70 22.25 -0.70
CA ARG C 157 -7.82 21.95 -1.61
C ARG C 157 -8.86 21.08 -0.95
N ALA C 158 -8.43 19.93 -0.37
CA ALA C 158 -9.38 18.99 0.22
C ALA C 158 -10.29 19.66 1.22
N LEU C 159 -9.75 20.54 2.06
CA LEU C 159 -10.51 21.16 3.13
C LEU C 159 -10.92 22.58 2.84
N LYS C 160 -10.60 23.10 1.64
CA LYS C 160 -10.99 24.45 1.26
C LYS C 160 -10.45 25.46 2.26
N LEU C 161 -9.14 25.38 2.51
CA LEU C 161 -8.48 26.27 3.46
C LEU C 161 -7.96 27.51 2.75
N PRO C 162 -7.72 28.61 3.48
CA PRO C 162 -7.31 29.86 2.82
C PRO C 162 -6.01 29.76 2.03
N SER C 163 -5.97 30.48 0.91
CA SER C 163 -4.75 30.62 0.13
C SER C 163 -3.65 31.33 0.91
N THR C 164 -4.04 32.18 1.86
CA THR C 164 -3.11 32.88 2.74
C THR C 164 -2.40 31.95 3.74
N GLY C 165 -2.70 30.65 3.77
CA GLY C 165 -1.89 29.68 4.50
C GLY C 165 -2.38 29.26 5.86
N GLU C 166 -3.51 29.79 6.33
CA GLU C 166 -4.03 29.42 7.64
C GLU C 166 -4.38 27.94 7.66
N GLY C 167 -4.02 27.28 8.76
CA GLY C 167 -4.26 25.86 8.91
C GLY C 167 -3.22 24.96 8.29
N THR C 168 -2.28 25.50 7.50
CA THR C 168 -1.20 24.68 6.92
C THR C 168 0.17 25.32 7.17
N GLN C 169 0.32 26.06 8.25
CA GLN C 169 1.65 26.64 8.48
C GLN C 169 2.67 25.59 8.88
N PHE C 170 2.21 24.44 9.37
CA PHE C 170 3.12 23.32 9.61
C PHE C 170 3.98 23.01 8.40
N TYR C 171 3.41 23.11 7.19
CA TYR C 171 4.05 22.66 5.96
C TYR C 171 4.97 23.72 5.34
N LEU C 172 5.05 24.91 5.90
CA LEU C 172 5.83 26.01 5.32
C LEU C 172 7.05 26.30 6.20
N PHE C 173 8.24 26.22 5.61
CA PHE C 173 9.47 26.52 6.32
C PHE C 173 9.92 27.92 5.91
N GLU C 174 9.39 28.93 6.60
CA GLU C 174 9.61 30.34 6.25
C GLU C 174 11.09 30.70 6.23
N ASN C 175 11.90 30.03 7.05
CA ASN C 175 13.27 30.44 7.32
C ASN C 175 14.28 29.55 6.62
N VAL C 176 13.83 28.69 5.71
CA VAL C 176 14.74 27.91 4.87
C VAL C 176 14.65 28.49 3.46
N ASP C 177 15.77 29.01 2.96
CA ASP C 177 15.74 29.66 1.65
C ASP C 177 15.52 28.65 0.53
N ASN C 178 16.18 27.50 0.60
CA ASN C 178 16.14 26.47 -0.45
C ASN C 178 16.17 25.11 0.24
N ALA C 179 15.05 24.38 0.16
CA ALA C 179 14.91 23.14 0.92
C ALA C 179 15.96 22.12 0.52
N GLN C 180 16.22 21.97 -0.77
CA GLN C 180 17.18 20.96 -1.22
C GLN C 180 18.59 21.30 -0.79
N GLN C 181 18.98 22.58 -0.82
CA GLN C 181 20.28 23.01 -0.32
C GLN C 181 20.41 22.80 1.19
N PHE C 182 19.35 23.09 1.93
CA PHE C 182 19.42 22.87 3.37
C PHE C 182 19.57 21.38 3.71
N LYS C 183 18.79 20.52 3.05
CA LYS C 183 18.91 19.08 3.30
C LYS C 183 20.33 18.58 3.02
N GLN C 184 20.96 19.12 1.97
CA GLN C 184 22.31 18.71 1.66
C GLN C 184 23.28 19.15 2.75
N LEU C 185 23.10 20.37 3.26
CA LEU C 185 23.92 20.84 4.37
C LEU C 185 23.68 20.01 5.63
N TYR C 186 22.42 19.68 5.91
CA TYR C 186 22.09 18.86 7.07
C TYR C 186 22.77 17.49 6.99
N ARG C 187 22.65 16.82 5.84
CA ARG C 187 23.28 15.51 5.67
C ARG C 187 24.80 15.59 5.83
N ALA C 188 25.45 16.60 5.23
CA ALA C 188 26.88 16.74 5.37
C ALA C 188 27.29 16.86 6.85
N ARG C 189 26.57 17.68 7.61
CA ARG C 189 26.85 17.78 9.04
C ARG C 189 26.64 16.46 9.75
N MET C 190 25.52 15.78 9.45
CA MET C 190 25.24 14.49 10.05
C MET C 190 26.35 13.49 9.72
N ASN C 191 26.79 13.46 8.46
CA ASN C 191 27.84 12.54 8.06
C ASN C 191 29.19 12.90 8.69
N ALA C 192 29.38 14.13 9.14
CA ALA C 192 30.64 14.52 9.78
C ALA C 192 30.67 14.22 11.27
N LEU C 193 29.57 13.73 11.85
CA LEU C 193 29.57 13.40 13.27
C LEU C 193 30.55 12.28 13.54
N ASP C 194 31.37 12.44 14.58
CA ASP C 194 32.34 11.42 14.94
C ASP C 194 31.64 10.24 15.60
N LEU C 195 31.22 9.26 14.82
CA LEU C 195 30.45 8.14 15.34
C LEU C 195 31.15 6.86 14.91
N ASN C 196 31.29 5.91 15.84
CA ASN C 196 31.79 4.60 15.46
C ASN C 196 30.67 3.78 14.80
N MET C 197 31.04 2.67 14.17
CA MET C 197 30.08 1.96 13.33
C MET C 197 28.99 1.29 14.15
N LYS C 198 29.25 0.95 15.42
CA LYS C 198 28.20 0.33 16.22
C LYS C 198 27.12 1.35 16.58
N THR C 199 27.52 2.60 16.82
CA THR C 199 26.55 3.67 17.06
C THR C 199 25.73 3.96 15.80
N LYS C 200 26.38 3.98 14.64
CA LYS C 200 25.63 4.23 13.40
C LYS C 200 24.57 3.16 13.19
N GLU C 201 24.92 1.91 13.48
CA GLU C 201 23.94 0.83 13.34
C GLU C 201 22.80 0.98 14.35
N ARG C 202 23.11 1.46 15.55
CA ARG C 202 22.07 1.74 16.55
C ARG C 202 21.15 2.86 16.07
N ILE C 203 21.71 3.88 15.41
CA ILE C 203 20.91 4.97 14.86
C ILE C 203 19.95 4.44 13.80
N VAL C 204 20.44 3.54 12.93
CA VAL C 204 19.57 2.94 11.92
C VAL C 204 18.44 2.16 12.59
N GLU C 205 18.77 1.38 13.61
CA GLU C 205 17.73 0.62 14.31
C GLU C 205 16.70 1.55 14.97
N GLU C 206 17.16 2.66 15.56
CA GLU C 206 16.24 3.63 16.15
C GLU C 206 15.36 4.29 15.08
N ALA C 207 15.92 4.58 13.90
CA ALA C 207 15.11 5.15 12.83
C ALA C 207 14.04 4.16 12.35
N ASN C 208 14.37 2.87 12.30
CA ASN C 208 13.32 1.88 11.99
C ASN C 208 12.25 1.87 13.07
N LYS C 209 12.65 2.00 14.33
CA LYS C 209 11.68 2.11 15.41
C LYS C 209 10.77 3.32 15.22
N ALA C 210 11.32 4.45 14.75
CA ALA C 210 10.51 5.65 14.56
C ALA C 210 9.48 5.46 13.47
N PHE C 211 9.87 4.80 12.36
CA PHE C 211 8.92 4.54 11.29
C PHE C 211 7.81 3.60 11.78
N GLU C 212 8.15 2.64 12.61
CA GLU C 212 7.15 1.76 13.20
C GLU C 212 6.18 2.55 14.09
N TYR C 213 6.69 3.53 14.85
CA TYR C 213 5.79 4.40 15.62
C TYR C 213 4.89 5.22 14.72
N ASN C 214 5.44 5.72 13.60
CA ASN C 214 4.61 6.50 12.67
C ASN C 214 3.47 5.66 12.11
N MET C 215 3.77 4.40 11.78
CA MET C 215 2.74 3.54 11.20
C MET C 215 1.61 3.28 12.20
N GLN C 216 1.94 3.09 13.48
CA GLN C 216 0.89 2.93 14.49
C GLN C 216 0.08 4.21 14.66
N ILE C 217 0.71 5.38 14.55
CA ILE C 217 -0.06 6.63 14.61
C ILE C 217 -1.03 6.70 13.44
N PHE C 218 -0.53 6.38 12.23
CA PHE C 218 -1.38 6.33 11.04
C PHE C 218 -2.50 5.29 11.18
N ASN C 219 -2.17 4.09 11.68
CA ASN C 219 -3.21 3.08 11.84
C ASN C 219 -4.30 3.54 12.80
N GLU C 220 -3.90 4.18 13.92
CA GLU C 220 -4.91 4.68 14.86
C GLU C 220 -5.74 5.81 14.27
N LEU C 221 -5.11 6.68 13.47
CA LEU C 221 -5.87 7.70 12.76
C LEU C 221 -6.89 7.06 11.82
N ASP C 222 -6.46 6.05 11.07
CA ASP C 222 -7.40 5.38 10.17
C ASP C 222 -8.64 4.89 10.93
N GLN C 223 -8.44 4.29 12.10
CA GLN C 223 -9.52 3.71 12.90
C GLN C 223 -10.33 4.75 13.68
N ALA C 224 -9.93 6.01 13.69
CA ALA C 224 -10.65 7.05 14.43
C ALA C 224 -12.14 7.07 14.08
N ALA D 15 6.49 9.11 -35.32
CA ALA D 15 6.33 10.46 -35.86
C ALA D 15 5.96 11.43 -34.74
N ASP D 16 5.44 12.58 -35.15
CA ASP D 16 4.96 13.57 -34.19
C ASP D 16 3.76 13.02 -33.40
N LEU D 17 3.78 13.26 -32.09
CA LEU D 17 2.67 12.84 -31.23
C LEU D 17 1.33 13.38 -31.72
N SER D 18 1.28 14.66 -32.13
CA SER D 18 0.03 15.23 -32.62
C SER D 18 -0.46 14.50 -33.88
N GLU D 19 0.46 14.01 -34.72
CA GLU D 19 0.07 13.25 -35.89
C GLU D 19 -0.43 11.85 -35.52
N LEU D 20 0.25 11.19 -34.57
CA LEU D 20 -0.23 9.90 -34.08
C LEU D 20 -1.60 10.02 -33.44
N LEU D 21 -1.87 11.13 -32.74
CA LEU D 21 -3.21 11.34 -32.19
C LEU D 21 -4.24 11.55 -33.29
N LYS D 22 -3.90 12.34 -34.31
CA LYS D 22 -4.86 12.64 -35.36
C LYS D 22 -5.31 11.38 -36.08
N GLU D 23 -4.37 10.52 -36.48
CA GLU D 23 -4.75 9.28 -37.16
C GLU D 23 -5.39 8.30 -36.18
N GLY D 24 -4.85 8.19 -34.97
CA GLY D 24 -5.26 7.14 -34.06
C GLY D 24 -6.56 7.34 -33.33
N THR D 25 -7.17 8.55 -33.34
CA THR D 25 -8.40 8.81 -32.62
C THR D 25 -9.58 9.06 -33.55
N LYS D 26 -9.40 8.81 -34.85
CA LYS D 26 -10.44 9.11 -35.83
C LYS D 26 -11.78 8.50 -35.47
N GLU D 27 -11.79 7.19 -35.16
CA GLU D 27 -13.04 6.48 -34.98
C GLU D 27 -13.78 6.97 -33.74
N ALA D 28 -13.08 7.06 -32.61
CA ALA D 28 -13.72 7.51 -31.38
C ALA D 28 -14.21 8.95 -31.51
N HIS D 29 -13.46 9.77 -32.23
CA HIS D 29 -13.89 11.15 -32.43
C HIS D 29 -15.19 11.21 -33.23
N ASP D 30 -15.30 10.42 -34.31
CA ASP D 30 -16.52 10.44 -35.10
C ASP D 30 -17.71 9.95 -34.29
N ARG D 31 -17.51 8.97 -33.41
CA ARG D 31 -18.63 8.44 -32.63
C ARG D 31 -19.16 9.46 -31.63
N ALA D 32 -18.27 10.09 -30.86
CA ALA D 32 -18.72 11.08 -29.88
C ALA D 32 -19.48 12.21 -30.58
N GLU D 33 -18.93 12.68 -31.70
CA GLU D 33 -19.52 13.75 -32.50
C GLU D 33 -20.83 13.36 -33.18
N ASN D 34 -21.18 12.08 -33.23
CA ASN D 34 -22.42 11.63 -33.86
C ASN D 34 -23.45 11.17 -32.85
N THR D 35 -23.25 11.47 -31.57
CA THR D 35 -24.26 11.17 -30.57
C THR D 35 -25.50 12.03 -30.80
N GLN D 36 -26.63 11.55 -30.26
CA GLN D 36 -27.88 12.29 -30.40
C GLN D 36 -27.78 13.65 -29.74
N PHE D 37 -27.08 13.73 -28.59
CA PHE D 37 -26.92 15.02 -27.92
C PHE D 37 -26.24 16.05 -28.82
N VAL D 38 -25.13 15.67 -29.44
CA VAL D 38 -24.39 16.65 -30.25
C VAL D 38 -25.22 17.08 -31.45
N LYS D 39 -25.87 16.13 -32.13
CA LYS D 39 -26.68 16.49 -33.29
C LYS D 39 -27.84 17.39 -32.90
N ASP D 40 -28.60 16.99 -31.87
CA ASP D 40 -29.68 17.81 -31.35
C ASP D 40 -29.21 19.20 -30.94
N PHE D 41 -28.07 19.27 -30.24
CA PHE D 41 -27.59 20.58 -29.78
C PHE D 41 -27.40 21.53 -30.96
N LEU D 42 -26.70 21.06 -32.00
CA LEU D 42 -26.41 21.87 -33.16
C LEU D 42 -27.68 22.34 -33.87
N LYS D 43 -28.78 21.59 -33.75
CA LYS D 43 -30.05 22.00 -34.36
C LYS D 43 -30.79 23.03 -33.52
N GLY D 44 -30.31 23.37 -32.34
CA GLY D 44 -31.04 24.27 -31.47
C GLY D 44 -32.12 23.61 -30.64
N ASN D 45 -32.08 22.28 -30.51
CA ASN D 45 -33.10 21.49 -29.84
C ASN D 45 -32.70 21.11 -28.41
N ILE D 46 -31.89 21.95 -27.77
CA ILE D 46 -31.45 21.76 -26.40
C ILE D 46 -32.31 22.63 -25.49
N LYS D 47 -33.04 22.01 -24.56
CA LYS D 47 -33.86 22.77 -23.63
C LYS D 47 -33.07 23.20 -22.39
N LYS D 48 -33.63 24.12 -21.63
CA LYS D 48 -32.88 24.78 -20.56
C LYS D 48 -32.41 23.77 -19.50
N GLU D 49 -33.29 22.87 -19.04
CA GLU D 49 -32.87 21.97 -17.96
C GLU D 49 -31.80 21.00 -18.43
N LEU D 50 -31.87 20.55 -19.68
CA LEU D 50 -30.84 19.66 -20.18
C LEU D 50 -29.50 20.38 -20.37
N PHE D 51 -29.53 21.63 -20.84
CA PHE D 51 -28.28 22.40 -20.95
C PHE D 51 -27.66 22.62 -19.57
N LYS D 52 -28.49 22.80 -18.54
CA LYS D 52 -27.94 22.96 -17.19
C LYS D 52 -27.27 21.67 -16.71
N LEU D 53 -27.81 20.51 -17.07
CA LEU D 53 -27.19 19.24 -16.72
C LEU D 53 -25.89 19.05 -17.48
N ALA D 54 -25.87 19.45 -18.77
CA ALA D 54 -24.60 19.38 -19.50
C ALA D 54 -23.56 20.28 -18.86
N THR D 55 -23.96 21.48 -18.46
CA THR D 55 -23.01 22.41 -17.87
C THR D 55 -22.45 21.87 -16.58
N THR D 56 -23.30 21.19 -15.80
CA THR D 56 -22.89 20.55 -14.55
C THR D 56 -21.81 19.52 -14.81
N ALA D 57 -22.02 18.66 -15.81
CA ALA D 57 -21.01 17.66 -16.14
C ALA D 57 -19.69 18.31 -16.58
N LEU D 58 -19.77 19.41 -17.33
CA LEU D 58 -18.57 20.16 -17.69
C LEU D 58 -17.88 20.73 -16.45
N TYR D 59 -18.66 21.31 -15.55
CA TYR D 59 -18.07 21.86 -14.33
C TYR D 59 -17.21 20.82 -13.63
N PHE D 60 -17.78 19.65 -13.33
CA PHE D 60 -17.05 18.67 -12.54
C PHE D 60 -15.90 18.06 -13.31
N THR D 61 -16.06 17.91 -14.63
CA THR D 61 -15.01 17.36 -15.47
C THR D 61 -13.80 18.28 -15.54
N TYR D 62 -14.02 19.56 -15.90
CA TYR D 62 -12.90 20.49 -16.04
C TYR D 62 -12.29 20.81 -14.70
N SER D 63 -13.11 20.80 -13.64
CA SER D 63 -12.57 21.02 -12.31
C SER D 63 -11.55 19.94 -11.96
N ALA D 64 -11.86 18.67 -12.27
CA ALA D 64 -10.94 17.57 -11.99
C ALA D 64 -9.69 17.64 -12.85
N LEU D 65 -9.88 17.91 -14.15
CA LEU D 65 -8.75 17.99 -15.06
C LEU D 65 -7.79 19.10 -14.66
N GLU D 66 -8.34 20.26 -14.30
CA GLU D 66 -7.46 21.40 -14.00
C GLU D 66 -6.79 21.23 -12.63
N GLU D 67 -7.43 20.49 -11.72
CA GLU D 67 -6.74 20.11 -10.48
C GLU D 67 -5.53 19.23 -10.76
N GLU D 68 -5.67 18.23 -11.66
CA GLU D 68 -4.55 17.34 -11.97
C GLU D 68 -3.47 18.02 -12.81
N MET D 69 -3.84 18.96 -13.69
CA MET D 69 -2.81 19.68 -14.43
C MET D 69 -1.99 20.57 -13.50
N GLU D 70 -2.66 21.21 -12.53
CA GLU D 70 -1.90 21.99 -11.54
C GLU D 70 -1.00 21.11 -10.68
N ARG D 71 -1.49 19.93 -10.27
CA ARG D 71 -0.67 18.99 -9.49
C ARG D 71 0.60 18.63 -10.23
N ASN D 72 0.52 18.50 -11.55
CA ASN D 72 1.63 18.08 -12.36
C ASN D 72 2.32 19.22 -13.11
N LYS D 73 2.14 20.45 -12.63
CA LYS D 73 2.59 21.62 -13.38
C LYS D 73 4.10 21.63 -13.58
N ASP D 74 4.86 20.97 -12.71
CA ASP D 74 6.31 20.94 -12.83
C ASP D 74 6.82 19.63 -13.40
N HIS D 75 5.93 18.65 -13.61
CA HIS D 75 6.37 17.33 -14.08
C HIS D 75 6.96 17.45 -15.49
N PRO D 76 8.11 16.82 -15.75
CA PRO D 76 8.77 16.98 -17.06
C PRO D 76 7.97 16.48 -18.25
N ALA D 77 7.05 15.53 -18.05
CA ALA D 77 6.23 15.02 -19.14
C ALA D 77 5.00 15.88 -19.42
N PHE D 78 4.74 16.91 -18.61
CA PHE D 78 3.55 17.72 -18.84
C PHE D 78 3.78 19.23 -18.72
N ALA D 79 4.76 19.68 -17.94
CA ALA D 79 4.92 21.10 -17.62
C ALA D 79 4.85 22.07 -18.81
N PRO D 80 5.39 21.78 -19.99
CA PRO D 80 5.31 22.76 -21.08
C PRO D 80 3.88 23.06 -21.52
N LEU D 81 2.92 22.19 -21.16
CA LEU D 81 1.53 22.34 -21.56
C LEU D 81 0.67 22.90 -20.44
N TYR D 82 1.27 23.31 -19.34
CA TYR D 82 0.50 23.98 -18.30
C TYR D 82 0.19 25.40 -18.75
N PHE D 83 -1.11 25.68 -19.00
CA PHE D 83 -1.57 26.98 -19.51
C PHE D 83 -2.78 27.46 -18.73
N PRO D 84 -2.63 27.75 -17.44
CA PRO D 84 -3.81 28.13 -16.62
C PRO D 84 -4.50 29.40 -17.11
N MET D 85 -3.73 30.41 -17.53
CA MET D 85 -4.34 31.68 -17.90
C MET D 85 -5.08 31.57 -19.21
N GLU D 86 -4.46 30.91 -20.20
CA GLU D 86 -5.08 30.80 -21.52
C GLU D 86 -6.24 29.80 -21.55
N LEU D 87 -6.09 28.65 -20.90
CA LEU D 87 -6.97 27.51 -21.17
C LEU D 87 -8.01 27.26 -20.08
N HIS D 88 -7.69 27.42 -18.80
CA HIS D 88 -8.55 26.83 -17.78
C HIS D 88 -9.96 27.40 -17.79
N ARG D 89 -10.94 26.51 -17.52
CA ARG D 89 -12.36 26.75 -17.71
C ARG D 89 -13.17 26.78 -16.41
N LYS D 90 -12.58 26.37 -15.28
CA LYS D 90 -13.37 26.26 -14.05
C LYS D 90 -13.97 27.59 -13.62
N GLU D 91 -13.22 28.69 -13.78
CA GLU D 91 -13.75 30.01 -13.43
C GLU D 91 -14.96 30.36 -14.29
N ALA D 92 -14.83 30.19 -15.62
CA ALA D 92 -15.94 30.46 -16.52
C ALA D 92 -17.17 29.60 -16.19
N LEU D 93 -16.96 28.29 -16.00
CA LEU D 93 -18.07 27.41 -15.70
C LEU D 93 -18.72 27.76 -14.37
N THR D 94 -17.94 28.22 -13.39
CA THR D 94 -18.52 28.64 -12.13
C THR D 94 -19.51 29.78 -12.35
N LYS D 95 -19.15 30.75 -13.20
CA LYS D 95 -20.06 31.84 -13.51
C LYS D 95 -21.29 31.35 -14.27
N ASP D 96 -21.13 30.41 -15.20
CA ASP D 96 -22.30 29.83 -15.86
C ASP D 96 -23.19 29.10 -14.86
N MET D 97 -22.60 28.31 -13.96
CA MET D 97 -23.41 27.65 -12.94
C MET D 97 -24.18 28.67 -12.12
N GLU D 98 -23.49 29.73 -11.66
CA GLU D 98 -24.17 30.77 -10.89
C GLU D 98 -25.34 31.34 -11.66
N TYR D 99 -25.16 31.57 -12.96
CA TYR D 99 -26.22 32.17 -13.75
C TYR D 99 -27.44 31.27 -13.83
N PHE D 100 -27.24 29.98 -14.07
CA PHE D 100 -28.39 29.11 -14.30
C PHE D 100 -29.10 28.71 -13.02
N PHE D 101 -28.36 28.55 -11.92
CA PHE D 101 -28.91 28.02 -10.68
C PHE D 101 -29.02 29.04 -9.54
N GLY D 102 -28.35 30.17 -9.65
CA GLY D 102 -28.26 31.10 -8.54
C GLY D 102 -27.06 30.80 -7.65
N GLU D 103 -26.83 31.71 -6.69
CA GLU D 103 -25.64 31.60 -5.85
C GLU D 103 -25.57 30.27 -5.13
N ASN D 104 -26.70 29.62 -4.96
CA ASN D 104 -26.82 28.40 -4.20
C ASN D 104 -26.55 27.14 -5.03
N TRP D 105 -25.83 27.27 -6.15
CA TRP D 105 -25.87 26.20 -7.17
C TRP D 105 -25.30 24.89 -6.65
N GLU D 106 -24.24 24.94 -5.83
CA GLU D 106 -23.59 23.71 -5.37
C GLU D 106 -24.52 22.78 -4.60
N GLU D 107 -25.51 23.34 -3.90
CA GLU D 107 -26.47 22.51 -3.20
C GLU D 107 -27.50 21.88 -4.13
N GLN D 108 -27.66 22.41 -5.34
CA GLN D 108 -28.73 21.97 -6.24
C GLN D 108 -28.29 20.89 -7.22
N VAL D 109 -27.02 20.59 -7.29
CA VAL D 109 -26.52 19.73 -8.36
C VAL D 109 -25.80 18.55 -7.74
N GLN D 110 -25.79 17.45 -8.49
CA GLN D 110 -24.91 16.33 -8.22
C GLN D 110 -24.23 15.94 -9.52
N CYS D 111 -23.02 15.41 -9.43
CA CYS D 111 -22.30 15.04 -10.63
C CYS D 111 -22.99 13.86 -11.30
N PRO D 112 -23.39 13.96 -12.57
CA PRO D 112 -23.92 12.79 -13.30
C PRO D 112 -23.00 11.58 -13.21
N LYS D 113 -23.61 10.38 -13.22
CA LYS D 113 -22.85 9.15 -13.00
C LYS D 113 -21.75 8.95 -14.03
N ALA D 114 -22.05 9.23 -15.31
CA ALA D 114 -21.01 9.06 -16.33
C ALA D 114 -19.86 10.05 -16.13
N ALA D 115 -20.17 11.29 -15.75
CA ALA D 115 -19.12 12.28 -15.54
C ALA D 115 -18.29 11.96 -14.31
N GLN D 116 -18.91 11.38 -13.28
CA GLN D 116 -18.15 11.02 -12.07
C GLN D 116 -17.16 9.89 -12.35
N LYS D 117 -17.54 8.94 -13.19
CA LYS D 117 -16.57 7.92 -13.58
C LYS D 117 -15.41 8.51 -14.40
N TYR D 118 -15.69 9.53 -15.21
CA TYR D 118 -14.59 10.20 -15.94
C TYR D 118 -13.70 10.97 -14.99
N VAL D 119 -14.32 11.70 -14.05
CA VAL D 119 -13.58 12.40 -13.00
C VAL D 119 -12.61 11.47 -12.29
N GLU D 120 -13.07 10.25 -11.96
CA GLU D 120 -12.22 9.29 -11.27
C GLU D 120 -11.04 8.84 -12.14
N ARG D 121 -11.27 8.61 -13.43
CA ARG D 121 -10.17 8.30 -14.33
C ARG D 121 -9.15 9.45 -14.39
N ILE D 122 -9.66 10.69 -14.41
CA ILE D 122 -8.80 11.86 -14.48
C ILE D 122 -7.89 11.92 -13.27
N HIS D 123 -8.47 11.74 -12.07
CA HIS D 123 -7.66 11.76 -10.85
C HIS D 123 -6.67 10.60 -10.84
N TYR D 124 -7.09 9.44 -11.32
CA TYR D 124 -6.18 8.30 -11.37
C TYR D 124 -4.98 8.59 -12.26
N ILE D 125 -5.24 9.10 -13.47
CA ILE D 125 -4.13 9.40 -14.38
C ILE D 125 -3.23 10.47 -13.78
N GLY D 126 -3.82 11.51 -13.20
CA GLY D 126 -2.99 12.59 -12.70
C GLY D 126 -2.14 12.20 -11.50
N GLN D 127 -2.61 11.24 -10.71
CA GLN D 127 -1.87 10.78 -9.54
C GLN D 127 -0.97 9.58 -9.82
N ASN D 128 -1.13 8.89 -10.94
CA ASN D 128 -0.39 7.66 -11.15
C ASN D 128 0.35 7.58 -12.49
N GLU D 129 -0.18 8.18 -13.55
CA GLU D 129 0.47 8.13 -14.87
C GLU D 129 0.44 9.51 -15.50
N PRO D 130 1.17 10.47 -14.92
CA PRO D 130 1.09 11.86 -15.39
C PRO D 130 1.55 12.04 -16.83
N GLU D 131 2.36 11.12 -17.37
CA GLU D 131 2.73 11.25 -18.76
C GLU D 131 1.54 11.05 -19.70
N LEU D 132 0.40 10.54 -19.20
CA LEU D 132 -0.80 10.37 -20.01
C LEU D 132 -1.80 11.51 -19.83
N LEU D 133 -1.54 12.45 -18.93
CA LEU D 133 -2.49 13.53 -18.72
C LEU D 133 -2.69 14.37 -19.97
N VAL D 134 -1.64 14.53 -20.82
CA VAL D 134 -1.79 15.27 -22.06
C VAL D 134 -2.92 14.73 -22.91
N ALA D 135 -3.17 13.41 -22.85
CA ALA D 135 -4.26 12.84 -23.66
C ALA D 135 -5.58 13.49 -23.29
N HIS D 136 -5.82 13.71 -22.00
CA HIS D 136 -7.07 14.33 -21.60
C HIS D 136 -7.11 15.82 -21.91
N ALA D 137 -6.00 16.53 -21.70
CA ALA D 137 -6.02 17.97 -21.93
C ALA D 137 -6.12 18.29 -23.42
N TYR D 138 -5.41 17.53 -24.24
CA TYR D 138 -5.41 17.77 -25.68
C TYR D 138 -6.77 17.48 -26.28
N THR D 139 -7.44 16.42 -25.83
CA THR D 139 -8.77 16.13 -26.35
C THR D 139 -9.78 17.19 -25.95
N ARG D 140 -9.69 17.71 -24.73
CA ARG D 140 -10.66 18.73 -24.31
C ARG D 140 -10.40 20.06 -24.98
N TYR D 141 -9.27 20.69 -24.70
CA TYR D 141 -9.10 22.12 -24.94
C TYR D 141 -8.94 22.47 -26.41
N MET D 142 -8.33 21.58 -27.21
CA MET D 142 -8.17 21.87 -28.63
C MET D 142 -9.52 21.98 -29.32
N GLY D 143 -10.43 21.05 -29.02
CA GLY D 143 -11.77 21.13 -29.58
C GLY D 143 -12.53 22.33 -29.05
N ASP D 144 -12.35 22.63 -27.75
CA ASP D 144 -13.03 23.78 -27.17
C ASP D 144 -12.62 25.07 -27.86
N LEU D 145 -11.33 25.22 -28.14
CA LEU D 145 -10.82 26.49 -28.66
C LEU D 145 -11.46 26.86 -29.98
N SER D 146 -11.55 25.89 -30.90
CA SER D 146 -12.01 26.21 -32.25
C SER D 146 -13.52 26.13 -32.37
N GLY D 147 -14.17 25.23 -31.62
CA GLY D 147 -15.60 25.03 -31.75
C GLY D 147 -16.49 25.90 -30.89
N GLY D 148 -15.89 26.65 -29.96
CA GLY D 148 -16.68 27.38 -28.99
C GLY D 148 -17.59 28.43 -29.60
N GLN D 149 -17.07 29.20 -30.57
CA GLN D 149 -17.87 30.29 -31.12
C GLN D 149 -19.20 29.80 -31.67
N VAL D 150 -19.17 28.71 -32.43
CA VAL D 150 -20.41 28.21 -33.02
C VAL D 150 -21.37 27.69 -31.96
N LEU D 151 -20.85 26.97 -30.96
CA LEU D 151 -21.73 26.43 -29.93
C LEU D 151 -22.37 27.52 -29.11
N LYS D 152 -21.62 28.57 -28.79
CA LYS D 152 -22.16 29.65 -27.96
C LYS D 152 -23.29 30.38 -28.68
N LYS D 153 -23.14 30.59 -29.99
CA LYS D 153 -24.22 31.25 -30.72
C LYS D 153 -25.47 30.39 -30.78
N VAL D 154 -25.32 29.09 -31.01
CA VAL D 154 -26.46 28.18 -30.99
C VAL D 154 -27.16 28.21 -29.63
N ALA D 155 -26.38 28.07 -28.55
CA ALA D 155 -26.98 28.10 -27.21
C ALA D 155 -27.68 29.43 -26.93
N GLN D 156 -27.05 30.56 -27.29
CA GLN D 156 -27.65 31.86 -26.99
C GLN D 156 -29.01 32.01 -27.68
N ARG D 157 -29.11 31.59 -28.94
CA ARG D 157 -30.37 31.67 -29.66
C ARG D 157 -31.41 30.70 -29.10
N ALA D 158 -31.02 29.43 -28.88
CA ALA D 158 -32.00 28.42 -28.48
C ALA D 158 -32.56 28.71 -27.10
N LEU D 159 -31.71 29.14 -26.16
CA LEU D 159 -32.16 29.32 -24.78
C LEU D 159 -32.49 30.77 -24.46
N LYS D 160 -32.41 31.65 -25.45
CA LYS D 160 -32.72 33.08 -25.30
C LYS D 160 -31.91 33.67 -24.15
N LEU D 161 -30.60 33.47 -24.22
CA LEU D 161 -29.71 33.94 -23.17
C LEU D 161 -29.34 35.38 -23.43
N PRO D 162 -28.93 36.12 -22.38
CA PRO D 162 -28.58 37.53 -22.58
C PRO D 162 -27.47 37.68 -23.60
N SER D 163 -27.56 38.75 -24.39
CA SER D 163 -26.53 39.05 -25.39
C SER D 163 -25.17 39.35 -24.75
N THR D 164 -25.16 39.76 -23.48
CA THR D 164 -23.93 40.09 -22.76
C THR D 164 -23.08 38.87 -22.41
N GLY D 165 -23.55 37.65 -22.70
CA GLY D 165 -22.74 36.45 -22.61
C GLY D 165 -23.03 35.53 -21.44
N GLU D 166 -23.83 35.94 -20.46
CA GLU D 166 -24.09 35.11 -19.28
C GLU D 166 -24.62 33.74 -19.68
N GLY D 167 -24.14 32.73 -18.97
CA GLY D 167 -24.53 31.36 -19.25
C GLY D 167 -23.67 30.67 -20.30
N THR D 168 -22.82 31.39 -21.02
CA THR D 168 -21.98 30.79 -22.06
C THR D 168 -20.50 31.19 -21.93
N GLN D 169 -20.07 31.63 -20.75
CA GLN D 169 -18.66 32.04 -20.69
C GLN D 169 -17.71 30.86 -20.87
N PHE D 170 -18.16 29.63 -20.62
CA PHE D 170 -17.34 28.45 -20.91
C PHE D 170 -16.77 28.48 -22.31
N TYR D 171 -17.57 28.93 -23.29
CA TYR D 171 -17.24 28.82 -24.70
C TYR D 171 -16.33 29.92 -25.21
N LEU D 172 -15.94 30.88 -24.36
CA LEU D 172 -15.16 32.04 -24.77
C LEU D 172 -13.82 32.02 -24.06
N PHE D 173 -12.73 32.02 -24.83
CA PHE D 173 -11.39 32.00 -24.27
C PHE D 173 -10.89 33.44 -24.27
N GLU D 174 -11.24 34.17 -23.21
CA GLU D 174 -10.98 35.61 -23.14
C GLU D 174 -9.49 35.94 -23.24
N ASN D 175 -8.60 35.02 -22.86
CA ASN D 175 -7.17 35.28 -22.88
C ASN D 175 -6.45 34.63 -24.06
N VAL D 176 -7.18 34.21 -25.09
CA VAL D 176 -6.59 33.64 -26.31
C VAL D 176 -7.09 34.49 -27.47
N ASP D 177 -6.19 35.30 -28.05
CA ASP D 177 -6.63 36.20 -29.10
C ASP D 177 -6.71 35.51 -30.46
N ASN D 178 -5.90 34.48 -30.69
CA ASN D 178 -5.86 33.78 -31.98
C ASN D 178 -5.82 32.28 -31.71
N ALA D 179 -6.98 31.62 -31.76
CA ALA D 179 -7.07 30.21 -31.40
C ALA D 179 -6.20 29.35 -32.31
N GLN D 180 -6.11 29.69 -33.59
CA GLN D 180 -5.26 28.94 -34.51
C GLN D 180 -3.79 29.03 -34.13
N GLN D 181 -3.32 30.22 -33.78
CA GLN D 181 -1.92 30.37 -33.39
C GLN D 181 -1.63 29.64 -32.09
N PHE D 182 -2.54 29.72 -31.12
CA PHE D 182 -2.30 29.02 -29.86
C PHE D 182 -2.23 27.51 -30.07
N LYS D 183 -3.17 26.95 -30.85
CA LYS D 183 -3.16 25.51 -31.11
C LYS D 183 -1.85 25.07 -31.75
N GLN D 184 -1.34 25.86 -32.70
CA GLN D 184 -0.06 25.54 -33.32
C GLN D 184 1.06 25.50 -32.28
N LEU D 185 1.09 26.49 -31.40
CA LEU D 185 2.12 26.53 -30.37
C LEU D 185 1.99 25.34 -29.42
N TYR D 186 0.75 25.02 -28.99
CA TYR D 186 0.53 23.87 -28.10
C TYR D 186 1.02 22.59 -28.76
N ARG D 187 0.73 22.41 -30.04
CA ARG D 187 1.16 21.20 -30.73
C ARG D 187 2.67 21.15 -30.86
N ALA D 188 3.33 22.30 -31.07
CA ALA D 188 4.78 22.28 -31.17
C ALA D 188 5.41 21.83 -29.85
N ARG D 189 4.87 22.33 -28.74
CA ARG D 189 5.37 21.93 -27.42
C ARG D 189 5.12 20.45 -27.16
N MET D 190 3.90 20.00 -27.42
CA MET D 190 3.59 18.58 -27.24
C MET D 190 4.52 17.69 -28.04
N ASN D 191 4.79 18.06 -29.30
CA ASN D 191 5.65 17.25 -30.15
C ASN D 191 7.11 17.30 -29.74
N ALA D 192 7.51 18.29 -28.95
CA ALA D 192 8.88 18.35 -28.49
C ALA D 192 9.08 17.59 -27.18
N LEU D 193 8.01 17.06 -26.58
CA LEU D 193 8.16 16.31 -25.33
C LEU D 193 9.01 15.07 -25.57
N ASP D 194 9.86 14.74 -24.60
CA ASP D 194 10.80 13.62 -24.77
C ASP D 194 10.08 12.33 -24.42
N LEU D 195 9.55 11.65 -25.43
CA LEU D 195 8.72 10.47 -25.21
C LEU D 195 9.11 9.40 -26.21
N ASN D 196 9.24 8.16 -25.72
CA ASN D 196 9.48 7.02 -26.59
C ASN D 196 8.19 6.62 -27.31
N MET D 197 8.33 5.78 -28.34
CA MET D 197 7.17 5.36 -29.11
C MET D 197 6.15 4.63 -28.23
N LYS D 198 6.62 3.84 -27.27
CA LYS D 198 5.70 3.09 -26.43
C LYS D 198 4.78 4.02 -25.65
N THR D 199 5.35 5.10 -25.08
CA THR D 199 4.55 6.05 -24.33
C THR D 199 3.58 6.81 -25.22
N LYS D 200 4.03 7.21 -26.42
CA LYS D 200 3.12 7.92 -27.32
C LYS D 200 1.92 7.05 -27.70
N GLU D 201 2.15 5.74 -27.90
CA GLU D 201 1.05 4.82 -28.19
C GLU D 201 0.09 4.72 -27.01
N ARG D 202 0.63 4.68 -25.79
CA ARG D 202 -0.19 4.74 -24.59
C ARG D 202 -0.99 6.05 -24.51
N ILE D 203 -0.45 7.16 -25.03
CA ILE D 203 -1.18 8.42 -25.01
C ILE D 203 -2.32 8.40 -26.02
N VAL D 204 -2.09 7.84 -27.21
CA VAL D 204 -3.17 7.62 -28.17
C VAL D 204 -4.29 6.77 -27.56
N GLU D 205 -3.92 5.66 -26.91
CA GLU D 205 -4.93 4.83 -26.25
C GLU D 205 -5.71 5.63 -25.21
N GLU D 206 -5.03 6.45 -24.40
CA GLU D 206 -5.75 7.22 -23.39
C GLU D 206 -6.63 8.29 -24.03
N ALA D 207 -6.23 8.83 -25.18
CA ALA D 207 -7.10 9.80 -25.84
C ALA D 207 -8.38 9.13 -26.33
N ASN D 208 -8.27 7.89 -26.82
CA ASN D 208 -9.48 7.16 -27.19
C ASN D 208 -10.36 6.92 -25.97
N LYS D 209 -9.76 6.60 -24.82
CA LYS D 209 -10.53 6.48 -23.58
C LYS D 209 -11.26 7.79 -23.26
N ALA D 210 -10.56 8.92 -23.38
CA ALA D 210 -11.17 10.23 -23.17
C ALA D 210 -12.41 10.42 -24.03
N PHE D 211 -12.30 10.15 -25.34
CA PHE D 211 -13.47 10.28 -26.22
C PHE D 211 -14.60 9.38 -25.78
N GLU D 212 -14.27 8.16 -25.34
CA GLU D 212 -15.27 7.21 -24.87
C GLU D 212 -16.01 7.73 -23.65
N TYR D 213 -15.30 8.33 -22.70
CA TYR D 213 -15.96 8.92 -21.53
C TYR D 213 -16.88 10.05 -21.96
N ASN D 214 -16.43 10.89 -22.89
CA ASN D 214 -17.27 11.97 -23.40
C ASN D 214 -18.56 11.43 -24.01
N MET D 215 -18.47 10.35 -24.77
CA MET D 215 -19.67 9.76 -25.39
C MET D 215 -20.63 9.20 -24.35
N GLN D 216 -20.12 8.59 -23.28
CA GLN D 216 -21.00 8.07 -22.24
C GLN D 216 -21.71 9.20 -21.49
N ILE D 217 -21.00 10.29 -21.22
CA ILE D 217 -21.65 11.47 -20.64
C ILE D 217 -22.77 11.95 -21.54
N PHE D 218 -22.49 12.05 -22.85
CA PHE D 218 -23.49 12.46 -23.84
C PHE D 218 -24.70 11.53 -23.83
N ASN D 219 -24.45 10.22 -23.88
CA ASN D 219 -25.53 9.24 -23.87
C ASN D 219 -26.41 9.42 -22.65
N GLU D 220 -25.80 9.67 -21.48
CA GLU D 220 -26.59 9.82 -20.26
C GLU D 220 -27.41 11.10 -20.28
N LEU D 221 -26.91 12.16 -20.92
CA LEU D 221 -27.72 13.36 -21.07
C LEU D 221 -28.92 13.09 -21.98
N ASP D 222 -28.73 12.34 -23.07
CA ASP D 222 -29.85 12.04 -23.96
C ASP D 222 -30.94 11.22 -23.27
N GLN D 223 -30.57 10.36 -22.32
CA GLN D 223 -31.58 9.63 -21.54
C GLN D 223 -32.27 10.50 -20.49
N ALA D 224 -31.68 11.64 -20.13
CA ALA D 224 -32.25 12.51 -19.10
C ALA D 224 -33.37 13.38 -19.67
#